data_2YTM
#
_entry.id   2YTM
#
loop_
_entity.id
_entity.type
_entity.pdbx_description
1 polymer 'Zinc finger protein 28 homolog'
2 non-polymer 'ZINC ION'
#
_entity_poly.entity_id   1
_entity_poly.type   'polypeptide(L)'
_entity_poly.pdbx_seq_one_letter_code
;GSSGSSGTGEKPYKCMECGKAFGDNSSCTQHQRLHTGQRPSGPSSG
;
_entity_poly.pdbx_strand_id   A
#
# COMPACT_ATOMS: atom_id res chain seq x y z
N GLY A 1 -0.75 10.19 -12.99
CA GLY A 1 -0.08 8.90 -13.01
C GLY A 1 -0.98 7.77 -12.57
N SER A 2 -1.47 6.99 -13.54
CA SER A 2 -2.36 5.88 -13.25
C SER A 2 -1.66 4.54 -13.53
N SER A 3 -1.14 4.41 -14.74
CA SER A 3 -0.45 3.19 -15.14
C SER A 3 1.05 3.43 -15.29
N GLY A 4 1.84 2.39 -15.06
CA GLY A 4 3.28 2.51 -15.17
C GLY A 4 3.94 2.90 -13.86
N SER A 5 3.90 1.98 -12.90
CA SER A 5 4.50 2.23 -11.58
C SER A 5 5.72 1.34 -11.36
N SER A 6 6.90 1.88 -11.63
CA SER A 6 8.14 1.13 -11.46
C SER A 6 9.34 2.06 -11.41
N GLY A 7 10.52 1.49 -11.21
CA GLY A 7 11.73 2.29 -11.15
C GLY A 7 12.83 1.63 -10.33
N THR A 8 13.78 2.43 -9.87
CA THR A 8 14.90 1.91 -9.07
C THR A 8 14.94 2.57 -7.70
N GLY A 9 14.66 1.78 -6.67
CA GLY A 9 14.67 2.31 -5.31
C GLY A 9 13.59 1.69 -4.44
N GLU A 10 13.55 2.10 -3.18
CA GLU A 10 12.56 1.59 -2.24
C GLU A 10 11.73 2.72 -1.66
N LYS A 11 10.44 2.46 -1.46
CA LYS A 11 9.53 3.46 -0.90
C LYS A 11 8.79 2.91 0.31
N PRO A 12 9.46 2.89 1.46
CA PRO A 12 8.87 2.39 2.71
C PRO A 12 7.78 3.31 3.25
N TYR A 13 7.54 4.40 2.54
CA TYR A 13 6.52 5.37 2.95
C TYR A 13 5.16 4.99 2.37
N LYS A 14 5.13 4.75 1.07
CA LYS A 14 3.89 4.38 0.38
C LYS A 14 3.94 2.93 -0.08
N CYS A 15 2.81 2.25 0.03
CA CYS A 15 2.71 0.85 -0.38
C CYS A 15 2.97 0.70 -1.88
N MET A 16 3.79 -0.28 -2.23
CA MET A 16 4.13 -0.54 -3.63
C MET A 16 3.23 -1.63 -4.21
N GLU A 17 2.87 -2.59 -3.36
CA GLU A 17 2.03 -3.71 -3.79
C GLU A 17 0.89 -3.21 -4.68
N CYS A 18 0.17 -2.19 -4.21
CA CYS A 18 -0.94 -1.62 -4.97
C CYS A 18 -0.65 -0.18 -5.38
N GLY A 19 -0.17 0.61 -4.41
CA GLY A 19 0.14 2.00 -4.69
C GLY A 19 -0.90 2.95 -4.11
N LYS A 20 -0.85 3.13 -2.79
CA LYS A 20 -1.79 4.01 -2.11
C LYS A 20 -1.09 4.81 -1.01
N ALA A 21 -1.29 6.12 -1.01
CA ALA A 21 -0.68 6.98 -0.01
C ALA A 21 -1.55 7.06 1.24
N PHE A 22 -0.91 7.02 2.41
CA PHE A 22 -1.62 7.09 3.68
C PHE A 22 -1.23 8.34 4.46
N GLY A 23 -1.99 8.64 5.51
CA GLY A 23 -1.71 9.81 6.32
C GLY A 23 -0.89 9.47 7.55
N ASP A 24 -1.29 8.42 8.26
CA ASP A 24 -0.60 8.00 9.46
C ASP A 24 -0.15 6.54 9.36
N ASN A 25 1.07 6.26 9.79
CA ASN A 25 1.61 4.91 9.75
C ASN A 25 0.59 3.90 10.28
N SER A 26 0.03 4.21 11.45
CA SER A 26 -0.96 3.33 12.07
C SER A 26 -1.81 2.63 11.01
N SER A 27 -2.37 3.42 10.11
CA SER A 27 -3.21 2.87 9.05
C SER A 27 -2.36 2.20 7.97
N CYS A 28 -1.18 2.73 7.75
CA CYS A 28 -0.27 2.18 6.75
C CYS A 28 0.08 0.73 7.07
N THR A 29 0.64 0.51 8.26
CA THR A 29 1.02 -0.83 8.69
C THR A 29 -0.15 -1.80 8.59
N GLN A 30 -1.33 -1.33 9.00
CA GLN A 30 -2.53 -2.17 8.96
C GLN A 30 -2.84 -2.59 7.53
N HIS A 31 -2.78 -1.65 6.60
CA HIS A 31 -3.05 -1.94 5.19
C HIS A 31 -2.40 -3.24 4.77
N GLN A 32 -1.12 -3.39 5.07
CA GLN A 32 -0.37 -4.59 4.71
C GLN A 32 -1.18 -5.85 5.07
N ARG A 33 -1.90 -5.79 6.18
CA ARG A 33 -2.71 -6.91 6.63
C ARG A 33 -3.52 -7.49 5.47
N LEU A 34 -4.38 -6.66 4.90
CA LEU A 34 -5.23 -7.09 3.78
C LEU A 34 -4.38 -7.74 2.69
N HIS A 35 -3.21 -7.17 2.44
CA HIS A 35 -2.31 -7.71 1.41
C HIS A 35 -1.87 -9.12 1.76
N THR A 36 -1.56 -9.33 3.05
CA THR A 36 -1.11 -10.64 3.50
C THR A 36 -1.93 -11.76 2.87
N GLY A 37 -3.25 -11.60 2.89
CA GLY A 37 -4.12 -12.61 2.31
C GLY A 37 -3.71 -12.99 0.90
N GLN A 38 -4.32 -14.05 0.37
CA GLN A 38 -4.02 -14.51 -0.97
C GLN A 38 -4.08 -13.37 -1.97
N ARG A 39 -5.22 -12.70 -2.03
CA ARG A 39 -5.42 -11.58 -2.95
C ARG A 39 -5.26 -12.04 -4.40
N PRO A 40 -6.02 -13.07 -4.78
CA PRO A 40 -5.98 -13.62 -6.13
C PRO A 40 -6.59 -12.67 -7.16
N SER A 41 -5.92 -12.55 -8.30
CA SER A 41 -6.39 -11.67 -9.37
C SER A 41 -7.89 -11.84 -9.60
N GLY A 42 -8.28 -13.05 -9.98
CA GLY A 42 -9.68 -13.33 -10.22
C GLY A 42 -9.89 -14.43 -11.24
N PRO A 43 -11.01 -15.16 -11.12
CA PRO A 43 -11.34 -16.26 -12.03
C PRO A 43 -11.72 -15.75 -13.43
N SER A 44 -11.88 -16.70 -14.36
CA SER A 44 -12.23 -16.35 -15.73
C SER A 44 -13.74 -16.24 -15.89
N SER A 45 -14.17 -15.36 -16.80
CA SER A 45 -15.59 -15.15 -17.05
C SER A 45 -16.34 -16.48 -17.08
N GLY A 46 -17.61 -16.45 -16.69
CA GLY A 46 -18.42 -17.65 -16.68
C GLY A 46 -19.16 -17.85 -15.38
N GLY A 1 12.65 23.85 -10.79
CA GLY A 1 12.41 23.74 -9.36
C GLY A 1 13.23 22.64 -8.72
N SER A 2 14.40 22.98 -8.20
CA SER A 2 15.27 22.01 -7.56
C SER A 2 14.87 21.80 -6.10
N SER A 3 14.18 20.69 -5.85
CA SER A 3 13.73 20.37 -4.50
C SER A 3 13.50 18.87 -4.34
N GLY A 4 14.26 18.25 -3.45
CA GLY A 4 14.13 16.83 -3.22
C GLY A 4 15.38 16.07 -3.60
N SER A 5 15.37 14.75 -3.37
CA SER A 5 16.51 13.90 -3.69
C SER A 5 16.38 13.32 -5.10
N SER A 6 17.50 12.85 -5.65
CA SER A 6 17.51 12.28 -6.99
C SER A 6 17.17 10.79 -6.94
N GLY A 7 17.76 10.09 -5.97
CA GLY A 7 17.50 8.67 -5.84
C GLY A 7 16.02 8.34 -5.82
N THR A 8 15.43 8.38 -4.62
CA THR A 8 14.01 8.09 -4.47
C THR A 8 13.58 6.95 -5.40
N GLY A 9 14.46 5.96 -5.56
CA GLY A 9 14.15 4.84 -6.43
C GLY A 9 13.00 4.00 -5.89
N GLU A 10 13.31 3.13 -4.93
CA GLU A 10 12.30 2.26 -4.34
C GLU A 10 11.36 3.05 -3.43
N LYS A 11 10.13 2.58 -3.32
CA LYS A 11 9.13 3.25 -2.50
C LYS A 11 8.80 2.41 -1.26
N PRO A 12 9.70 2.45 -0.26
CA PRO A 12 9.53 1.70 0.98
C PRO A 12 8.39 2.25 1.84
N TYR A 13 8.31 3.58 1.91
CA TYR A 13 7.27 4.23 2.70
C TYR A 13 5.88 3.91 2.15
N LYS A 14 5.78 3.83 0.83
CA LYS A 14 4.51 3.53 0.18
C LYS A 14 4.41 2.04 -0.15
N CYS A 15 3.20 1.59 -0.48
CA CYS A 15 2.96 0.19 -0.82
C CYS A 15 3.42 -0.11 -2.24
N MET A 16 4.32 -1.08 -2.37
CA MET A 16 4.85 -1.47 -3.67
C MET A 16 3.97 -2.56 -4.30
N GLU A 17 2.82 -2.82 -3.69
CA GLU A 17 1.91 -3.84 -4.18
C GLU A 17 0.72 -3.21 -4.89
N CYS A 18 0.11 -2.21 -4.25
CA CYS A 18 -1.04 -1.52 -4.82
C CYS A 18 -0.73 -0.05 -5.05
N GLY A 19 -0.13 0.59 -4.06
CA GLY A 19 0.22 2.00 -4.18
C GLY A 19 -0.85 2.91 -3.62
N LYS A 20 -1.07 2.83 -2.31
CA LYS A 20 -2.07 3.65 -1.64
C LYS A 20 -1.42 4.61 -0.64
N ALA A 21 -2.10 5.71 -0.36
CA ALA A 21 -1.59 6.70 0.58
C ALA A 21 -2.38 6.69 1.88
N PHE A 22 -1.74 7.10 2.97
CA PHE A 22 -2.40 7.14 4.27
C PHE A 22 -1.79 8.22 5.16
N GLY A 23 -2.63 9.12 5.66
CA GLY A 23 -2.15 10.19 6.51
C GLY A 23 -1.96 9.74 7.95
N ASP A 24 -1.49 8.52 8.13
CA ASP A 24 -1.26 7.96 9.47
C ASP A 24 -0.33 6.76 9.41
N ASN A 25 0.87 6.92 9.93
CA ASN A 25 1.86 5.84 9.94
C ASN A 25 1.24 4.54 10.43
N SER A 26 0.65 4.59 11.63
CA SER A 26 0.02 3.41 12.22
C SER A 26 -0.84 2.68 11.19
N SER A 27 -1.74 3.42 10.55
CA SER A 27 -2.63 2.85 9.55
C SER A 27 -1.83 2.30 8.36
N CYS A 28 -0.96 3.15 7.81
CA CYS A 28 -0.14 2.76 6.67
C CYS A 28 0.26 1.29 6.77
N THR A 29 0.67 0.88 7.97
CA THR A 29 1.08 -0.50 8.20
C THR A 29 -0.12 -1.45 8.21
N GLN A 30 -1.15 -1.07 8.93
CA GLN A 30 -2.36 -1.89 9.03
C GLN A 30 -2.89 -2.22 7.65
N HIS A 31 -2.61 -1.35 6.68
CA HIS A 31 -3.06 -1.56 5.30
C HIS A 31 -2.52 -2.86 4.74
N GLN A 32 -1.56 -3.46 5.45
CA GLN A 32 -0.95 -4.72 5.02
C GLN A 32 -1.99 -5.84 5.03
N ARG A 33 -2.99 -5.72 5.89
CA ARG A 33 -4.03 -6.72 6.00
C ARG A 33 -4.54 -7.14 4.61
N LEU A 34 -4.31 -6.27 3.63
CA LEU A 34 -4.74 -6.54 2.27
C LEU A 34 -3.84 -7.57 1.60
N HIS A 35 -2.54 -7.37 1.71
CA HIS A 35 -1.56 -8.29 1.13
C HIS A 35 -0.85 -9.09 2.20
N THR A 36 -1.43 -9.10 3.40
CA THR A 36 -0.84 -9.83 4.53
C THR A 36 -0.91 -11.34 4.30
N GLY A 37 -1.78 -11.76 3.37
CA GLY A 37 -1.92 -13.17 3.08
C GLY A 37 -2.92 -13.85 3.98
N GLN A 38 -4.03 -13.16 4.26
CA GLN A 38 -5.07 -13.71 5.12
C GLN A 38 -6.35 -13.97 4.33
N ARG A 39 -6.48 -15.18 3.80
CA ARG A 39 -7.65 -15.56 3.02
C ARG A 39 -8.07 -17.00 3.32
N PRO A 40 -9.36 -17.30 3.13
CA PRO A 40 -9.90 -18.64 3.38
C PRO A 40 -9.42 -19.66 2.34
N SER A 41 -8.57 -19.21 1.43
CA SER A 41 -8.04 -20.08 0.39
C SER A 41 -7.64 -21.43 0.96
N GLY A 42 -8.43 -22.46 0.63
CA GLY A 42 -8.15 -23.80 1.11
C GLY A 42 -8.67 -24.87 0.18
N PRO A 43 -8.85 -26.10 0.72
CA PRO A 43 -9.34 -27.23 -0.06
C PRO A 43 -10.81 -27.08 -0.43
N SER A 44 -11.40 -25.96 -0.03
CA SER A 44 -12.81 -25.70 -0.33
C SER A 44 -13.00 -24.28 -0.84
N SER A 45 -14.09 -24.06 -1.58
CA SER A 45 -14.39 -22.74 -2.13
C SER A 45 -15.12 -21.88 -1.11
N GLY A 46 -14.38 -20.98 -0.46
CA GLY A 46 -14.97 -20.11 0.53
C GLY A 46 -15.56 -20.87 1.71
N GLY A 1 3.23 12.58 -21.85
CA GLY A 1 2.60 13.88 -21.96
C GLY A 1 2.22 14.47 -20.62
N SER A 2 3.17 14.45 -19.69
CA SER A 2 2.94 14.99 -18.36
C SER A 2 3.67 16.31 -18.17
N SER A 3 3.01 17.26 -17.51
CA SER A 3 3.59 18.58 -17.27
C SER A 3 4.83 18.47 -16.38
N GLY A 4 4.68 17.74 -15.27
CA GLY A 4 5.79 17.57 -14.35
C GLY A 4 5.46 18.01 -12.95
N SER A 5 6.42 18.63 -12.27
CA SER A 5 6.23 19.10 -10.90
C SER A 5 7.04 20.36 -10.64
N SER A 6 6.43 21.32 -9.94
CA SER A 6 7.10 22.57 -9.62
C SER A 6 8.56 22.34 -9.26
N GLY A 7 8.79 21.37 -8.38
CA GLY A 7 10.15 21.06 -7.97
C GLY A 7 10.24 19.73 -7.23
N THR A 8 10.33 19.79 -5.91
CA THR A 8 10.42 18.57 -5.10
C THR A 8 9.04 18.15 -4.58
N GLY A 9 8.67 16.91 -4.87
CA GLY A 9 7.38 16.40 -4.43
C GLY A 9 7.24 14.91 -4.66
N GLU A 10 8.07 14.12 -3.99
CA GLU A 10 8.03 12.68 -4.12
C GLU A 10 7.49 12.02 -2.86
N LYS A 11 6.99 10.80 -3.00
CA LYS A 11 6.43 10.06 -1.87
C LYS A 11 7.11 8.70 -1.73
N PRO A 12 8.31 8.69 -1.13
CA PRO A 12 9.08 7.47 -0.92
C PRO A 12 8.45 6.55 0.13
N TYR A 13 7.29 6.96 0.64
CA TYR A 13 6.58 6.18 1.64
C TYR A 13 5.24 5.67 1.11
N LYS A 14 5.25 5.21 -0.13
CA LYS A 14 4.04 4.70 -0.77
C LYS A 14 4.05 3.17 -0.81
N CYS A 15 2.91 2.58 -1.13
CA CYS A 15 2.78 1.13 -1.19
C CYS A 15 3.34 0.60 -2.52
N MET A 16 4.11 -0.48 -2.43
CA MET A 16 4.71 -1.08 -3.62
C MET A 16 3.81 -2.18 -4.18
N GLU A 17 3.11 -2.87 -3.29
CA GLU A 17 2.21 -3.95 -3.70
C GLU A 17 1.16 -3.44 -4.68
N CYS A 18 0.33 -2.51 -4.23
CA CYS A 18 -0.72 -1.94 -5.06
C CYS A 18 -0.47 -0.45 -5.31
N GLY A 19 -0.16 0.28 -4.24
CA GLY A 19 0.09 1.70 -4.36
C GLY A 19 -1.03 2.54 -3.79
N LYS A 20 -0.89 2.95 -2.54
CA LYS A 20 -1.90 3.77 -1.88
C LYS A 20 -1.26 4.73 -0.88
N ALA A 21 -1.86 5.90 -0.73
CA ALA A 21 -1.35 6.91 0.19
C ALA A 21 -1.82 6.65 1.61
N PHE A 22 -1.20 7.31 2.58
CA PHE A 22 -1.56 7.15 3.98
C PHE A 22 -1.16 8.38 4.79
N GLY A 23 -2.02 8.79 5.71
CA GLY A 23 -1.74 9.94 6.54
C GLY A 23 -0.97 9.58 7.79
N ASP A 24 -1.40 8.53 8.47
CA ASP A 24 -0.73 8.08 9.69
C ASP A 24 -0.01 6.76 9.46
N ASN A 25 0.74 6.32 10.47
CA ASN A 25 1.49 5.06 10.38
C ASN A 25 0.58 3.88 10.67
N SER A 26 -0.25 4.01 11.71
CA SER A 26 -1.17 2.95 12.10
C SER A 26 -1.85 2.35 10.87
N SER A 27 -2.38 3.21 10.02
CA SER A 27 -3.06 2.76 8.80
C SER A 27 -2.10 2.04 7.87
N CYS A 28 -0.86 2.51 7.83
CA CYS A 28 0.16 1.91 6.98
C CYS A 28 0.39 0.45 7.34
N THR A 29 0.42 0.16 8.64
CA THR A 29 0.64 -1.19 9.13
C THR A 29 -0.63 -2.05 8.94
N GLN A 30 -1.77 -1.39 8.91
CA GLN A 30 -3.05 -2.09 8.73
C GLN A 30 -3.26 -2.48 7.28
N HIS A 31 -2.85 -1.60 6.36
CA HIS A 31 -3.00 -1.86 4.94
C HIS A 31 -2.20 -3.09 4.53
N GLN A 32 -0.90 -3.07 4.80
CA GLN A 32 -0.02 -4.18 4.46
C GLN A 32 -0.61 -5.50 4.94
N ARG A 33 -1.49 -5.43 5.93
CA ARG A 33 -2.11 -6.62 6.49
C ARG A 33 -3.32 -7.05 5.65
N LEU A 34 -3.99 -6.07 5.06
CA LEU A 34 -5.15 -6.35 4.22
C LEU A 34 -4.73 -7.00 2.90
N HIS A 35 -3.46 -6.88 2.57
CA HIS A 35 -2.93 -7.46 1.34
C HIS A 35 -2.96 -8.99 1.40
N THR A 36 -2.58 -9.54 2.55
CA THR A 36 -2.57 -10.98 2.74
C THR A 36 -3.81 -11.45 3.49
N GLY A 37 -4.30 -10.62 4.41
CA GLY A 37 -5.48 -10.97 5.18
C GLY A 37 -6.62 -11.47 4.30
N GLN A 38 -7.40 -10.54 3.77
CA GLN A 38 -8.53 -10.90 2.92
C GLN A 38 -9.67 -11.50 3.74
N ARG A 39 -9.92 -10.90 4.90
CA ARG A 39 -10.98 -11.39 5.78
C ARG A 39 -12.05 -10.31 5.98
N PRO A 40 -12.96 -10.18 5.01
CA PRO A 40 -14.03 -9.20 5.05
C PRO A 40 -15.08 -9.53 6.10
N SER A 41 -15.41 -8.56 6.95
CA SER A 41 -16.40 -8.76 8.01
C SER A 41 -17.74 -8.14 7.62
N GLY A 42 -18.53 -8.87 6.85
CA GLY A 42 -19.82 -8.38 6.42
C GLY A 42 -19.73 -7.52 5.17
N PRO A 43 -19.33 -8.13 4.05
CA PRO A 43 -19.19 -7.43 2.77
C PRO A 43 -20.54 -7.03 2.19
N SER A 44 -21.60 -7.67 2.67
CA SER A 44 -22.95 -7.38 2.19
C SER A 44 -23.22 -5.88 2.20
N SER A 45 -22.76 -5.21 3.25
CA SER A 45 -22.96 -3.77 3.38
C SER A 45 -21.64 -3.03 3.26
N GLY A 46 -20.82 -3.45 2.31
CA GLY A 46 -19.53 -2.81 2.09
C GLY A 46 -18.78 -3.38 0.91
N GLY A 1 14.35 -9.21 5.96
CA GLY A 1 15.60 -8.54 5.67
C GLY A 1 16.18 -8.95 4.34
N SER A 2 15.95 -8.13 3.31
CA SER A 2 16.46 -8.42 1.97
C SER A 2 17.53 -7.42 1.57
N SER A 3 18.78 -7.76 1.85
CA SER A 3 19.92 -6.89 1.53
C SER A 3 20.69 -7.44 0.33
N GLY A 4 21.29 -6.54 -0.44
CA GLY A 4 22.06 -6.94 -1.60
C GLY A 4 22.12 -5.86 -2.66
N SER A 5 21.46 -6.11 -3.79
CA SER A 5 21.44 -5.15 -4.89
C SER A 5 20.01 -4.75 -5.24
N SER A 6 19.20 -4.52 -4.23
CA SER A 6 17.81 -4.14 -4.43
C SER A 6 17.43 -2.95 -3.55
N GLY A 7 16.77 -1.96 -4.15
CA GLY A 7 16.36 -0.79 -3.40
C GLY A 7 16.51 0.49 -4.20
N THR A 8 15.62 0.68 -5.17
CA THR A 8 15.64 1.86 -6.02
C THR A 8 14.33 2.62 -5.95
N GLY A 9 14.35 3.76 -5.25
CA GLY A 9 13.15 4.57 -5.12
C GLY A 9 12.80 4.85 -3.67
N GLU A 10 11.93 5.82 -3.46
CA GLU A 10 11.51 6.19 -2.11
C GLU A 10 10.02 5.92 -1.90
N LYS A 11 9.72 4.94 -1.06
CA LYS A 11 8.33 4.57 -0.77
C LYS A 11 8.11 4.40 0.72
N PRO A 12 8.31 5.49 1.48
CA PRO A 12 8.13 5.48 2.93
C PRO A 12 6.67 5.34 3.34
N TYR A 13 5.81 6.10 2.69
CA TYR A 13 4.38 6.07 2.98
C TYR A 13 3.58 5.70 1.74
N LYS A 14 4.21 4.99 0.83
CA LYS A 14 3.56 4.56 -0.41
C LYS A 14 3.73 3.05 -0.62
N CYS A 15 2.63 2.32 -0.50
CA CYS A 15 2.66 0.88 -0.69
C CYS A 15 3.30 0.50 -2.02
N MET A 16 4.02 -0.61 -2.03
CA MET A 16 4.68 -1.08 -3.24
C MET A 16 3.82 -2.10 -3.99
N GLU A 17 3.10 -2.92 -3.22
CA GLU A 17 2.24 -3.94 -3.81
C GLU A 17 1.30 -3.33 -4.84
N CYS A 18 0.38 -2.48 -4.38
CA CYS A 18 -0.58 -1.83 -5.26
C CYS A 18 -0.26 -0.34 -5.40
N GLY A 19 -0.01 0.31 -4.28
CA GLY A 19 0.30 1.73 -4.28
C GLY A 19 -0.85 2.58 -3.79
N LYS A 20 -0.69 3.13 -2.58
CA LYS A 20 -1.73 3.96 -1.99
C LYS A 20 -1.12 5.00 -1.05
N ALA A 21 -1.88 6.06 -0.77
CA ALA A 21 -1.41 7.12 0.10
C ALA A 21 -2.10 7.05 1.46
N PHE A 22 -1.36 7.37 2.52
CA PHE A 22 -1.90 7.33 3.87
C PHE A 22 -1.54 8.62 4.63
N GLY A 23 -2.05 8.74 5.85
CA GLY A 23 -1.78 9.91 6.66
C GLY A 23 -0.96 9.59 7.89
N ASP A 24 -1.30 8.49 8.56
CA ASP A 24 -0.58 8.08 9.76
C ASP A 24 -0.10 6.64 9.64
N ASN A 25 1.16 6.41 9.98
CA ASN A 25 1.75 5.08 9.91
C ASN A 25 0.77 4.02 10.44
N SER A 26 0.08 4.36 11.53
CA SER A 26 -0.87 3.45 12.13
C SER A 26 -1.59 2.62 11.07
N SER A 27 -2.16 3.30 10.08
CA SER A 27 -2.88 2.63 9.01
C SER A 27 -1.92 1.93 8.06
N CYS A 28 -0.81 2.60 7.76
CA CYS A 28 0.20 2.03 6.87
C CYS A 28 0.36 0.53 7.11
N THR A 29 0.54 0.15 8.37
CA THR A 29 0.70 -1.25 8.73
C THR A 29 -0.55 -2.05 8.38
N GLN A 30 -1.72 -1.48 8.65
CA GLN A 30 -2.98 -2.14 8.36
C GLN A 30 -3.07 -2.53 6.90
N HIS A 31 -2.84 -1.56 6.02
CA HIS A 31 -2.89 -1.80 4.58
C HIS A 31 -2.13 -3.07 4.20
N GLN A 32 -0.96 -3.24 4.81
CA GLN A 32 -0.13 -4.41 4.54
C GLN A 32 -0.84 -5.69 4.96
N ARG A 33 -1.59 -5.62 6.06
CA ARG A 33 -2.32 -6.76 6.57
C ARG A 33 -3.36 -7.24 5.56
N LEU A 34 -4.30 -6.35 5.22
CA LEU A 34 -5.36 -6.69 4.27
C LEU A 34 -4.77 -7.38 3.04
N HIS A 35 -3.59 -6.96 2.62
CA HIS A 35 -2.93 -7.54 1.46
C HIS A 35 -2.73 -9.04 1.66
N THR A 36 -2.33 -9.43 2.86
CA THR A 36 -2.09 -10.84 3.18
C THR A 36 -3.09 -11.74 2.44
N GLY A 37 -2.62 -12.37 1.38
CA GLY A 37 -3.48 -13.25 0.60
C GLY A 37 -4.18 -14.29 1.47
N GLN A 38 -5.43 -14.00 1.84
CA GLN A 38 -6.20 -14.90 2.67
C GLN A 38 -7.59 -15.12 2.09
N ARG A 39 -7.66 -15.31 0.78
CA ARG A 39 -8.92 -15.52 0.10
C ARG A 39 -8.70 -16.05 -1.32
N PRO A 40 -9.68 -16.81 -1.83
CA PRO A 40 -9.62 -17.39 -3.18
C PRO A 40 -9.73 -16.32 -4.27
N SER A 41 -10.73 -15.44 -4.13
CA SER A 41 -10.94 -14.39 -5.11
C SER A 41 -11.02 -13.03 -4.42
N GLY A 42 -11.96 -12.89 -3.49
CA GLY A 42 -12.12 -11.64 -2.77
C GLY A 42 -13.44 -10.96 -3.09
N PRO A 43 -13.43 -10.06 -4.08
CA PRO A 43 -14.62 -9.32 -4.50
C PRO A 43 -15.65 -10.21 -5.19
N SER A 44 -16.75 -9.62 -5.64
CA SER A 44 -17.80 -10.35 -6.31
C SER A 44 -17.83 -10.03 -7.80
N SER A 45 -16.65 -9.94 -8.40
CA SER A 45 -16.54 -9.62 -9.83
C SER A 45 -16.77 -10.87 -10.67
N GLY A 46 -17.78 -11.64 -10.31
CA GLY A 46 -18.08 -12.86 -11.05
C GLY A 46 -18.04 -14.10 -10.18
N GLY A 1 11.37 26.25 -14.50
CA GLY A 1 12.76 25.84 -14.39
C GLY A 1 13.00 24.96 -13.18
N SER A 2 14.18 25.13 -12.57
CA SER A 2 14.53 24.34 -11.40
C SER A 2 14.28 22.85 -11.64
N SER A 3 14.78 22.34 -12.76
CA SER A 3 14.59 20.95 -13.11
C SER A 3 13.11 20.61 -13.26
N GLY A 4 12.38 21.49 -13.94
CA GLY A 4 10.95 21.28 -14.15
C GLY A 4 10.16 21.42 -12.86
N SER A 5 8.85 21.60 -13.00
CA SER A 5 7.97 21.77 -11.85
C SER A 5 6.91 20.67 -11.81
N SER A 6 7.25 19.56 -11.17
CA SER A 6 6.32 18.42 -11.06
C SER A 6 6.51 17.69 -9.74
N GLY A 7 5.64 16.72 -9.48
CA GLY A 7 5.72 15.95 -8.26
C GLY A 7 4.41 15.94 -7.49
N THR A 8 3.90 14.73 -7.23
CA THR A 8 2.65 14.59 -6.50
C THR A 8 2.80 13.61 -5.34
N GLY A 9 2.80 14.14 -4.12
CA GLY A 9 2.94 13.28 -2.96
C GLY A 9 3.97 12.19 -3.14
N GLU A 10 5.23 12.52 -2.93
CA GLU A 10 6.32 11.56 -3.09
C GLU A 10 6.94 11.22 -1.74
N LYS A 11 6.82 9.95 -1.33
CA LYS A 11 7.37 9.49 -0.06
C LYS A 11 7.51 7.98 -0.05
N PRO A 12 8.58 7.49 0.60
CA PRO A 12 8.85 6.06 0.71
C PRO A 12 7.85 5.34 1.61
N TYR A 13 7.01 6.11 2.28
CA TYR A 13 6.01 5.56 3.18
C TYR A 13 4.71 5.25 2.43
N LYS A 14 4.83 4.50 1.34
CA LYS A 14 3.68 4.14 0.53
C LYS A 14 3.69 2.64 0.24
N CYS A 15 2.51 2.02 0.30
CA CYS A 15 2.38 0.60 0.04
C CYS A 15 3.01 0.23 -1.31
N MET A 16 3.72 -0.89 -1.33
CA MET A 16 4.38 -1.36 -2.54
C MET A 16 3.52 -2.40 -3.26
N GLU A 17 2.76 -3.16 -2.48
CA GLU A 17 1.89 -4.19 -3.04
C GLU A 17 1.03 -3.62 -4.17
N CYS A 18 0.19 -2.64 -3.84
CA CYS A 18 -0.68 -2.01 -4.82
C CYS A 18 -0.32 -0.55 -5.00
N GLY A 19 -0.12 0.16 -3.90
CA GLY A 19 0.23 1.57 -3.96
C GLY A 19 -0.93 2.46 -3.54
N LYS A 20 -0.85 3.00 -2.33
CA LYS A 20 -1.89 3.88 -1.81
C LYS A 20 -1.34 4.81 -0.74
N ALA A 21 -1.76 6.07 -0.79
CA ALA A 21 -1.29 7.06 0.19
C ALA A 21 -2.13 6.99 1.47
N PHE A 22 -1.53 7.46 2.56
CA PHE A 22 -2.21 7.45 3.86
C PHE A 22 -1.82 8.68 4.69
N GLY A 23 -2.48 8.84 5.83
CA GLY A 23 -2.19 9.97 6.69
C GLY A 23 -1.16 9.64 7.75
N ASP A 24 -1.47 8.64 8.58
CA ASP A 24 -0.55 8.22 9.64
C ASP A 24 0.01 6.83 9.36
N ASN A 25 1.33 6.71 9.44
CA ASN A 25 1.99 5.43 9.19
C ASN A 25 1.30 4.30 9.95
N SER A 26 1.00 4.55 11.22
CA SER A 26 0.33 3.54 12.05
C SER A 26 -0.66 2.72 11.22
N SER A 27 -1.60 3.40 10.58
CA SER A 27 -2.60 2.74 9.77
C SER A 27 -1.97 2.16 8.49
N CYS A 28 -1.09 2.95 7.88
CA CYS A 28 -0.42 2.52 6.65
C CYS A 28 -0.10 1.03 6.69
N THR A 29 0.57 0.61 7.76
CA THR A 29 0.94 -0.79 7.93
C THR A 29 -0.28 -1.70 7.81
N GLN A 30 -1.35 -1.34 8.53
CA GLN A 30 -2.58 -2.13 8.50
C GLN A 30 -2.99 -2.46 7.07
N HIS A 31 -3.08 -1.43 6.24
CA HIS A 31 -3.45 -1.62 4.83
C HIS A 31 -2.74 -2.81 4.23
N GLN A 32 -1.44 -2.92 4.50
CA GLN A 32 -0.64 -4.02 3.98
C GLN A 32 -1.29 -5.37 4.28
N ARG A 33 -1.90 -5.46 5.46
CA ARG A 33 -2.56 -6.70 5.88
C ARG A 33 -3.41 -7.26 4.74
N LEU A 34 -4.11 -6.38 4.03
CA LEU A 34 -4.96 -6.80 2.93
C LEU A 34 -4.24 -7.81 2.03
N HIS A 35 -3.12 -7.38 1.46
CA HIS A 35 -2.33 -8.25 0.58
C HIS A 35 -1.61 -9.32 1.39
N THR A 36 -1.06 -8.93 2.53
CA THR A 36 -0.34 -9.86 3.40
C THR A 36 -0.93 -9.88 4.80
N GLY A 37 -2.05 -10.57 4.96
CA GLY A 37 -2.69 -10.65 6.27
C GLY A 37 -4.01 -11.40 6.22
N GLN A 38 -4.89 -11.11 7.17
CA GLN A 38 -6.19 -11.76 7.23
C GLN A 38 -6.03 -13.23 7.59
N ARG A 39 -5.35 -13.50 8.69
CA ARG A 39 -5.13 -14.87 9.14
C ARG A 39 -4.39 -15.68 8.07
N PRO A 40 -3.23 -15.16 7.64
CA PRO A 40 -2.41 -15.81 6.63
C PRO A 40 -1.74 -17.09 7.14
N SER A 41 -2.47 -18.20 7.07
CA SER A 41 -1.95 -19.48 7.54
C SER A 41 -1.92 -20.50 6.41
N GLY A 42 -3.00 -20.53 5.63
CA GLY A 42 -3.08 -21.46 4.51
C GLY A 42 -4.26 -21.17 3.60
N PRO A 43 -4.08 -21.43 2.29
CA PRO A 43 -5.12 -21.21 1.29
C PRO A 43 -6.27 -22.19 1.42
N SER A 44 -6.09 -23.20 2.27
CA SER A 44 -7.11 -24.21 2.48
C SER A 44 -8.16 -23.73 3.48
N SER A 45 -9.22 -24.51 3.65
CA SER A 45 -10.29 -24.16 4.57
C SER A 45 -10.77 -25.38 5.34
N GLY A 46 -11.28 -25.16 6.56
CA GLY A 46 -11.76 -26.25 7.38
C GLY A 46 -11.92 -25.85 8.83
N GLY A 1 19.65 16.81 -13.79
CA GLY A 1 18.97 15.58 -13.46
C GLY A 1 17.47 15.69 -13.60
N SER A 2 16.75 15.39 -12.53
CA SER A 2 15.29 15.46 -12.54
C SER A 2 14.80 16.62 -11.70
N SER A 3 13.96 17.47 -12.31
CA SER A 3 13.41 18.63 -11.61
C SER A 3 11.94 18.42 -11.29
N GLY A 4 11.50 19.02 -10.19
CA GLY A 4 10.11 18.90 -9.78
C GLY A 4 9.68 19.99 -8.82
N SER A 5 8.73 19.68 -7.95
CA SER A 5 8.22 20.64 -6.99
C SER A 5 7.70 19.94 -5.74
N SER A 6 7.70 20.66 -4.62
CA SER A 6 7.24 20.11 -3.36
C SER A 6 6.03 19.18 -3.58
N GLY A 7 5.08 19.65 -4.37
CA GLY A 7 3.90 18.85 -4.65
C GLY A 7 3.26 18.29 -3.40
N THR A 8 2.25 17.44 -3.57
CA THR A 8 1.55 16.84 -2.44
C THR A 8 2.13 15.46 -2.11
N GLY A 9 3.17 15.45 -1.28
CA GLY A 9 3.79 14.19 -0.91
C GLY A 9 4.02 14.09 0.60
N GLU A 10 3.12 13.38 1.28
CA GLU A 10 3.23 13.20 2.72
C GLU A 10 4.47 12.40 3.08
N LYS A 11 4.86 11.48 2.20
CA LYS A 11 6.03 10.64 2.43
C LYS A 11 6.38 9.86 1.17
N PRO A 12 7.68 9.65 0.95
CA PRO A 12 8.18 8.90 -0.21
C PRO A 12 7.87 7.41 -0.13
N TYR A 13 8.19 6.81 1.02
CA TYR A 13 7.94 5.39 1.23
C TYR A 13 6.45 5.08 1.16
N LYS A 14 5.95 4.84 -0.04
CA LYS A 14 4.54 4.53 -0.25
C LYS A 14 4.36 3.07 -0.64
N CYS A 15 3.16 2.55 -0.39
CA CYS A 15 2.85 1.16 -0.72
C CYS A 15 3.24 0.84 -2.16
N MET A 16 4.30 0.06 -2.33
CA MET A 16 4.77 -0.31 -3.65
C MET A 16 4.11 -1.60 -4.12
N GLU A 17 3.12 -2.08 -3.36
CA GLU A 17 2.40 -3.29 -3.70
C GLU A 17 1.25 -3.00 -4.64
N CYS A 18 0.41 -2.02 -4.27
CA CYS A 18 -0.73 -1.66 -5.08
C CYS A 18 -0.69 -0.17 -5.43
N GLY A 19 -0.34 0.65 -4.44
CA GLY A 19 -0.26 2.09 -4.66
C GLY A 19 -1.33 2.84 -3.89
N LYS A 20 -1.36 2.65 -2.58
CA LYS A 20 -2.34 3.32 -1.73
C LYS A 20 -1.65 4.29 -0.78
N ALA A 21 -2.09 5.55 -0.81
CA ALA A 21 -1.52 6.57 0.06
C ALA A 21 -2.15 6.54 1.44
N PHE A 22 -1.35 6.84 2.46
CA PHE A 22 -1.83 6.85 3.84
C PHE A 22 -1.47 8.15 4.54
N GLY A 23 -1.90 8.29 5.78
CA GLY A 23 -1.60 9.48 6.55
C GLY A 23 -0.55 9.26 7.61
N ASP A 24 -0.66 8.14 8.31
CA ASP A 24 0.29 7.80 9.37
C ASP A 24 0.48 6.28 9.46
N ASN A 25 1.63 5.87 9.99
CA ASN A 25 1.93 4.45 10.13
C ASN A 25 0.68 3.67 10.53
N SER A 26 -0.07 4.19 11.49
CA SER A 26 -1.29 3.54 11.96
C SER A 26 -2.04 2.90 10.79
N SER A 27 -2.35 3.71 9.77
CA SER A 27 -3.06 3.22 8.60
C SER A 27 -2.20 2.26 7.79
N CYS A 28 -0.97 2.68 7.49
CA CYS A 28 -0.05 1.86 6.72
C CYS A 28 -0.02 0.43 7.25
N THR A 29 0.38 0.28 8.52
CA THR A 29 0.46 -1.03 9.14
C THR A 29 -0.76 -1.87 8.80
N GLN A 30 -1.95 -1.27 8.93
CA GLN A 30 -3.20 -1.96 8.64
C GLN A 30 -3.28 -2.34 7.16
N HIS A 31 -3.09 -1.35 6.30
CA HIS A 31 -3.15 -1.58 4.85
C HIS A 31 -2.43 -2.87 4.48
N GLN A 32 -1.37 -3.18 5.22
CA GLN A 32 -0.59 -4.39 4.97
C GLN A 32 -1.38 -5.64 5.33
N ARG A 33 -2.13 -5.57 6.42
CA ARG A 33 -2.94 -6.69 6.88
C ARG A 33 -3.60 -7.40 5.70
N LEU A 34 -4.48 -6.68 5.00
CA LEU A 34 -5.18 -7.24 3.85
C LEU A 34 -4.19 -7.74 2.80
N HIS A 35 -3.11 -7.00 2.62
CA HIS A 35 -2.08 -7.37 1.65
C HIS A 35 -1.50 -8.74 1.98
N THR A 36 -1.27 -8.99 3.27
CA THR A 36 -0.71 -10.27 3.71
C THR A 36 -1.22 -11.42 2.86
N GLY A 37 -2.52 -11.39 2.55
CA GLY A 37 -3.12 -12.44 1.75
C GLY A 37 -4.20 -13.21 2.50
N GLN A 38 -3.84 -14.38 3.00
CA GLN A 38 -4.79 -15.21 3.74
C GLN A 38 -5.74 -14.35 4.56
N ARG A 39 -6.96 -14.21 4.06
CA ARG A 39 -7.98 -13.41 4.74
C ARG A 39 -8.40 -14.07 6.06
N PRO A 40 -8.81 -13.24 7.02
CA PRO A 40 -9.25 -13.73 8.34
C PRO A 40 -10.58 -14.47 8.27
N SER A 41 -10.51 -15.79 8.24
CA SER A 41 -11.71 -16.62 8.17
C SER A 41 -12.51 -16.53 9.47
N GLY A 42 -13.32 -15.48 9.58
CA GLY A 42 -14.12 -15.29 10.76
C GLY A 42 -13.31 -14.85 11.95
N PRO A 43 -13.91 -14.00 12.82
CA PRO A 43 -13.24 -13.49 14.02
C PRO A 43 -13.03 -14.56 15.07
N SER A 44 -14.05 -15.38 15.31
CA SER A 44 -13.96 -16.44 16.30
C SER A 44 -14.37 -17.78 15.68
N SER A 45 -13.39 -18.58 15.31
CA SER A 45 -13.64 -19.88 14.70
C SER A 45 -12.51 -20.86 15.02
N GLY A 46 -12.88 -22.11 15.25
CA GLY A 46 -11.89 -23.12 15.57
C GLY A 46 -11.17 -23.63 14.33
N GLY A 1 -11.61 -1.85 -9.90
CA GLY A 1 -10.74 -1.39 -10.96
C GLY A 1 -9.86 -0.23 -10.53
N SER A 2 -9.53 0.64 -11.47
CA SER A 2 -8.67 1.79 -11.19
C SER A 2 -8.62 2.75 -12.38
N SER A 3 -8.32 4.01 -12.10
CA SER A 3 -8.25 5.02 -13.14
C SER A 3 -7.04 4.78 -14.05
N GLY A 4 -7.16 5.19 -15.31
CA GLY A 4 -6.09 5.01 -16.25
C GLY A 4 -4.72 5.27 -15.63
N SER A 5 -4.30 6.53 -15.65
CA SER A 5 -3.01 6.90 -15.09
C SER A 5 -3.18 7.72 -13.82
N SER A 6 -3.42 7.04 -12.71
CA SER A 6 -3.62 7.70 -11.42
C SER A 6 -3.42 6.73 -10.27
N GLY A 7 -3.03 7.27 -9.12
CA GLY A 7 -2.80 6.43 -7.95
C GLY A 7 -1.33 6.35 -7.57
N THR A 8 -0.79 7.46 -7.06
CA THR A 8 0.61 7.51 -6.65
C THR A 8 0.79 8.39 -5.42
N GLY A 9 1.96 8.28 -4.79
CA GLY A 9 2.23 9.06 -3.60
C GLY A 9 3.66 9.60 -3.59
N GLU A 10 3.90 10.58 -2.72
CA GLU A 10 5.23 11.18 -2.61
C GLU A 10 5.86 10.87 -1.25
N LYS A 11 5.91 9.58 -0.92
CA LYS A 11 6.50 9.14 0.35
C LYS A 11 7.37 7.90 0.15
N PRO A 12 8.47 7.82 0.91
CA PRO A 12 9.40 6.70 0.83
C PRO A 12 8.80 5.40 1.40
N TYR A 13 8.09 5.53 2.52
CA TYR A 13 7.47 4.38 3.15
C TYR A 13 6.02 4.22 2.70
N LYS A 14 5.83 4.08 1.39
CA LYS A 14 4.50 3.92 0.82
C LYS A 14 4.33 2.52 0.24
N CYS A 15 3.10 2.02 0.24
CA CYS A 15 2.80 0.70 -0.28
C CYS A 15 2.95 0.66 -1.80
N MET A 16 3.88 -0.17 -2.27
CA MET A 16 4.12 -0.29 -3.71
C MET A 16 3.22 -1.36 -4.32
N GLU A 17 2.98 -2.43 -3.57
CA GLU A 17 2.14 -3.53 -4.04
C GLU A 17 0.92 -2.99 -4.78
N CYS A 18 0.30 -1.96 -4.22
CA CYS A 18 -0.88 -1.36 -4.82
C CYS A 18 -0.61 0.09 -5.23
N GLY A 19 0.01 0.84 -4.33
CA GLY A 19 0.32 2.23 -4.61
C GLY A 19 -0.68 3.18 -4.01
N LYS A 20 -1.07 2.93 -2.77
CA LYS A 20 -2.04 3.77 -2.07
C LYS A 20 -1.35 4.64 -1.02
N ALA A 21 -1.79 5.89 -0.92
CA ALA A 21 -1.22 6.82 0.05
C ALA A 21 -2.00 6.80 1.36
N PHE A 22 -1.29 6.99 2.46
CA PHE A 22 -1.91 6.99 3.78
C PHE A 22 -1.44 8.18 4.61
N GLY A 23 -2.38 8.84 5.27
CA GLY A 23 -2.04 9.99 6.10
C GLY A 23 -0.99 9.67 7.15
N ASP A 24 -1.29 8.67 7.98
CA ASP A 24 -0.37 8.26 9.03
C ASP A 24 0.16 6.85 8.78
N ASN A 25 1.30 6.54 9.37
CA ASN A 25 1.92 5.23 9.21
C ASN A 25 1.08 4.15 9.88
N SER A 26 0.61 4.43 11.08
CA SER A 26 -0.20 3.49 11.84
C SER A 26 -1.26 2.84 10.95
N SER A 27 -2.04 3.68 10.27
CA SER A 27 -3.09 3.19 9.38
C SER A 27 -2.54 2.17 8.40
N CYS A 28 -1.41 2.51 7.77
CA CYS A 28 -0.77 1.62 6.80
C CYS A 28 -0.39 0.29 7.45
N THR A 29 0.33 0.37 8.57
CA THR A 29 0.76 -0.82 9.28
C THR A 29 -0.29 -1.92 9.20
N GLN A 30 -1.56 -1.53 9.20
CA GLN A 30 -2.66 -2.49 9.12
C GLN A 30 -2.96 -2.85 7.68
N HIS A 31 -3.03 -1.84 6.81
CA HIS A 31 -3.31 -2.06 5.40
C HIS A 31 -2.56 -3.29 4.89
N GLN A 32 -1.33 -3.46 5.33
CA GLN A 32 -0.51 -4.59 4.91
C GLN A 32 -1.28 -5.90 5.04
N ARG A 33 -1.99 -6.05 6.16
CA ARG A 33 -2.77 -7.26 6.41
C ARG A 33 -3.62 -7.63 5.19
N LEU A 34 -4.32 -6.63 4.64
CA LEU A 34 -5.16 -6.84 3.48
C LEU A 34 -4.35 -7.39 2.30
N HIS A 35 -3.05 -7.10 2.30
CA HIS A 35 -2.17 -7.57 1.24
C HIS A 35 -1.65 -8.98 1.54
N THR A 36 -2.27 -9.63 2.52
CA THR A 36 -1.88 -10.98 2.91
C THR A 36 -2.92 -12.00 2.48
N GLY A 37 -2.86 -12.41 1.22
CA GLY A 37 -3.81 -13.38 0.71
C GLY A 37 -3.70 -13.57 -0.80
N GLN A 38 -4.85 -13.66 -1.46
CA GLN A 38 -4.87 -13.84 -2.91
C GLN A 38 -5.10 -12.51 -3.63
N ARG A 39 -6.13 -11.79 -3.19
CA ARG A 39 -6.46 -10.50 -3.79
C ARG A 39 -6.95 -10.68 -5.23
N PRO A 40 -7.97 -11.53 -5.41
CA PRO A 40 -8.55 -11.81 -6.72
C PRO A 40 -9.33 -10.62 -7.28
N SER A 41 -10.19 -10.04 -6.45
CA SER A 41 -10.98 -8.89 -6.86
C SER A 41 -10.84 -7.74 -5.86
N GLY A 42 -11.32 -6.56 -6.25
CA GLY A 42 -11.23 -5.40 -5.39
C GLY A 42 -11.76 -4.15 -6.05
N PRO A 43 -13.09 -3.99 -6.04
CA PRO A 43 -13.76 -2.83 -6.63
C PRO A 43 -13.51 -1.54 -5.85
N SER A 44 -12.58 -0.72 -6.34
CA SER A 44 -12.24 0.53 -5.68
C SER A 44 -11.49 1.46 -6.63
N SER A 45 -11.89 2.73 -6.64
CA SER A 45 -11.26 3.72 -7.50
C SER A 45 -10.61 4.84 -6.68
N GLY A 46 -9.29 4.83 -6.64
CA GLY A 46 -8.57 5.84 -5.89
C GLY A 46 -8.11 5.34 -4.53
N GLY A 1 7.48 37.14 8.49
CA GLY A 1 6.96 35.80 8.33
C GLY A 1 8.03 34.81 7.89
N SER A 2 7.65 33.56 7.71
CA SER A 2 8.58 32.52 7.28
C SER A 2 8.01 31.73 6.10
N SER A 3 8.91 31.26 5.24
CA SER A 3 8.50 30.49 4.06
C SER A 3 9.11 29.09 4.09
N GLY A 4 8.27 28.08 3.87
CA GLY A 4 8.75 26.71 3.88
C GLY A 4 8.59 26.04 2.53
N SER A 5 9.70 25.64 1.93
CA SER A 5 9.69 24.98 0.63
C SER A 5 8.71 23.80 0.63
N SER A 6 7.73 23.85 -0.28
CA SER A 6 6.74 22.79 -0.37
C SER A 6 7.38 21.49 -0.85
N GLY A 7 7.89 20.70 0.09
CA GLY A 7 8.52 19.44 -0.24
C GLY A 7 9.07 18.71 0.97
N THR A 8 8.29 18.71 2.05
CA THR A 8 8.70 18.05 3.28
C THR A 8 7.65 17.05 3.74
N GLY A 9 7.06 16.34 2.79
CA GLY A 9 6.04 15.36 3.13
C GLY A 9 6.62 14.16 3.87
N GLU A 10 5.82 13.59 4.77
CA GLU A 10 6.25 12.44 5.55
C GLU A 10 5.78 11.13 4.91
N LYS A 11 6.10 10.96 3.64
CA LYS A 11 5.71 9.77 2.90
C LYS A 11 6.89 9.21 2.09
N PRO A 12 8.03 8.99 2.77
CA PRO A 12 9.24 8.47 2.14
C PRO A 12 9.09 7.01 1.72
N TYR A 13 7.96 6.40 2.09
CA TYR A 13 7.70 5.01 1.76
C TYR A 13 6.22 4.80 1.46
N LYS A 14 5.93 4.38 0.23
CA LYS A 14 4.55 4.13 -0.19
C LYS A 14 4.36 2.68 -0.58
N CYS A 15 3.16 2.15 -0.31
CA CYS A 15 2.85 0.76 -0.63
C CYS A 15 3.13 0.47 -2.10
N MET A 16 3.79 -0.66 -2.36
CA MET A 16 4.13 -1.05 -3.72
C MET A 16 3.10 -2.05 -4.27
N GLU A 17 2.49 -2.80 -3.37
CA GLU A 17 1.49 -3.80 -3.77
C GLU A 17 0.45 -3.17 -4.69
N CYS A 18 -0.19 -2.10 -4.23
CA CYS A 18 -1.20 -1.40 -5.01
C CYS A 18 -0.72 -0.02 -5.43
N GLY A 19 -0.20 0.73 -4.46
CA GLY A 19 0.29 2.07 -4.75
C GLY A 19 -0.60 3.15 -4.16
N LYS A 20 -0.96 2.99 -2.90
CA LYS A 20 -1.81 3.96 -2.21
C LYS A 20 -1.03 4.72 -1.14
N ALA A 21 -1.47 5.94 -0.86
CA ALA A 21 -0.81 6.76 0.16
C ALA A 21 -1.64 6.84 1.43
N PHE A 22 -1.06 7.40 2.49
CA PHE A 22 -1.75 7.53 3.76
C PHE A 22 -1.20 8.70 4.55
N GLY A 23 -1.83 8.98 5.70
CA GLY A 23 -1.39 10.08 6.53
C GLY A 23 -0.69 9.62 7.80
N ASP A 24 -1.28 8.63 8.46
CA ASP A 24 -0.70 8.09 9.69
C ASP A 24 -0.10 6.71 9.45
N ASN A 25 0.80 6.30 10.33
CA ASN A 25 1.44 4.99 10.21
C ASN A 25 0.44 3.87 10.49
N SER A 26 -0.35 4.03 11.54
CA SER A 26 -1.35 3.04 11.91
C SER A 26 -2.11 2.55 10.69
N SER A 27 -2.64 3.48 9.90
CA SER A 27 -3.39 3.15 8.70
C SER A 27 -2.56 2.26 7.77
N CYS A 28 -1.29 2.62 7.61
CA CYS A 28 -0.40 1.87 6.74
C CYS A 28 -0.16 0.47 7.30
N THR A 29 0.02 0.38 8.62
CA THR A 29 0.25 -0.90 9.27
C THR A 29 -0.74 -1.96 8.81
N GLN A 30 -2.01 -1.76 9.19
CA GLN A 30 -3.06 -2.69 8.80
C GLN A 30 -3.06 -2.95 7.30
N HIS A 31 -2.89 -1.89 6.53
CA HIS A 31 -2.87 -1.99 5.08
C HIS A 31 -2.02 -3.17 4.63
N GLN A 32 -0.74 -3.15 5.00
CA GLN A 32 0.18 -4.23 4.65
C GLN A 32 -0.44 -5.59 4.93
N ARG A 33 -0.98 -5.76 6.13
CA ARG A 33 -1.60 -7.01 6.53
C ARG A 33 -2.74 -7.38 5.58
N LEU A 34 -3.61 -6.42 5.30
CA LEU A 34 -4.75 -6.63 4.41
C LEU A 34 -4.29 -7.29 3.11
N HIS A 35 -3.18 -6.79 2.57
CA HIS A 35 -2.64 -7.32 1.33
C HIS A 35 -2.33 -8.80 1.45
N THR A 36 -1.74 -9.19 2.58
CA THR A 36 -1.39 -10.58 2.83
C THR A 36 -2.59 -11.37 3.31
N GLY A 37 -3.18 -12.15 2.41
CA GLY A 37 -4.33 -12.96 2.76
C GLY A 37 -5.16 -13.34 1.55
N GLN A 38 -6.17 -12.54 1.22
CA GLN A 38 -7.02 -12.83 0.08
C GLN A 38 -7.38 -14.31 0.01
N ARG A 39 -7.68 -14.90 1.17
CA ARG A 39 -8.03 -16.30 1.24
C ARG A 39 -9.10 -16.65 0.20
N PRO A 40 -9.00 -17.86 -0.37
CA PRO A 40 -9.95 -18.34 -1.37
C PRO A 40 -11.33 -18.61 -0.79
N SER A 41 -12.37 -18.47 -1.62
CA SER A 41 -13.73 -18.71 -1.17
C SER A 41 -14.18 -20.13 -1.51
N GLY A 42 -13.94 -21.05 -0.58
CA GLY A 42 -14.32 -22.43 -0.79
C GLY A 42 -13.57 -23.07 -1.93
N PRO A 43 -12.35 -23.55 -1.66
CA PRO A 43 -11.50 -24.19 -2.67
C PRO A 43 -12.04 -25.55 -3.10
N SER A 44 -11.65 -26.00 -4.29
CA SER A 44 -12.09 -27.28 -4.82
C SER A 44 -10.96 -28.30 -4.78
N SER A 45 -10.88 -29.07 -3.70
CA SER A 45 -9.84 -30.08 -3.55
C SER A 45 -10.40 -31.47 -3.81
N GLY A 46 -11.19 -31.61 -4.87
CA GLY A 46 -11.78 -32.88 -5.21
C GLY A 46 -12.61 -33.46 -4.08
N GLY A 1 10.17 18.99 -6.59
CA GLY A 1 11.21 18.31 -5.84
C GLY A 1 12.24 17.66 -6.75
N SER A 2 11.91 16.47 -7.24
CA SER A 2 12.81 15.72 -8.12
C SER A 2 13.52 16.67 -9.08
N SER A 3 14.80 16.91 -8.84
CA SER A 3 15.59 17.79 -9.68
C SER A 3 15.32 17.54 -11.15
N GLY A 4 15.51 16.29 -11.58
CA GLY A 4 15.27 15.93 -12.97
C GLY A 4 15.05 14.44 -13.15
N SER A 5 14.02 13.91 -12.50
CA SER A 5 13.71 12.48 -12.58
C SER A 5 12.23 12.23 -12.33
N SER A 6 11.80 11.01 -12.56
CA SER A 6 10.40 10.63 -12.36
C SER A 6 10.18 10.14 -10.93
N GLY A 7 10.77 10.84 -9.97
CA GLY A 7 10.61 10.47 -8.57
C GLY A 7 11.80 9.68 -8.05
N THR A 8 12.21 9.96 -6.82
CA THR A 8 13.34 9.27 -6.21
C THR A 8 13.17 7.76 -6.31
N GLY A 9 11.98 7.27 -5.98
CA GLY A 9 11.72 5.85 -6.03
C GLY A 9 10.66 5.41 -5.05
N GLU A 10 10.77 4.17 -4.58
CA GLU A 10 9.81 3.63 -3.62
C GLU A 10 9.74 4.50 -2.37
N LYS A 11 8.57 4.52 -1.74
CA LYS A 11 8.37 5.32 -0.53
C LYS A 11 8.17 4.42 0.67
N PRO A 12 8.67 4.86 1.84
CA PRO A 12 8.56 4.10 3.10
C PRO A 12 7.13 4.07 3.61
N TYR A 13 6.35 5.09 3.29
CA TYR A 13 4.96 5.17 3.72
C TYR A 13 4.01 5.08 2.54
N LYS A 14 4.28 4.13 1.64
CA LYS A 14 3.44 3.93 0.46
C LYS A 14 3.33 2.44 0.12
N CYS A 15 2.11 1.93 0.17
CA CYS A 15 1.87 0.53 -0.14
C CYS A 15 2.31 0.19 -1.56
N MET A 16 3.45 -0.48 -1.68
CA MET A 16 3.98 -0.85 -2.99
C MET A 16 3.07 -1.88 -3.66
N GLU A 17 2.59 -2.83 -2.88
CA GLU A 17 1.71 -3.88 -3.41
C GLU A 17 0.78 -3.31 -4.48
N CYS A 18 0.06 -2.25 -4.13
CA CYS A 18 -0.87 -1.62 -5.07
C CYS A 18 -0.43 -0.19 -5.39
N GLY A 19 -0.04 0.55 -4.36
CA GLY A 19 0.39 1.92 -4.55
C GLY A 19 -0.54 2.92 -3.91
N LYS A 20 -0.83 2.72 -2.63
CA LYS A 20 -1.73 3.61 -1.90
C LYS A 20 -0.94 4.45 -0.89
N ALA A 21 -1.41 5.67 -0.65
CA ALA A 21 -0.76 6.57 0.31
C ALA A 21 -1.65 6.83 1.51
N PHE A 22 -1.03 7.05 2.66
CA PHE A 22 -1.77 7.31 3.89
C PHE A 22 -1.04 8.36 4.73
N GLY A 23 -1.81 9.07 5.57
CA GLY A 23 -1.24 10.10 6.42
C GLY A 23 -0.57 9.51 7.65
N ASP A 24 -1.31 8.70 8.40
CA ASP A 24 -0.79 8.07 9.60
C ASP A 24 -0.09 6.76 9.27
N ASN A 25 0.78 6.32 10.18
CA ASN A 25 1.53 5.08 9.99
C ASN A 25 0.63 3.88 10.22
N SER A 26 -0.16 3.92 11.30
CA SER A 26 -1.06 2.83 11.63
C SER A 26 -1.86 2.38 10.41
N SER A 27 -2.43 3.36 9.70
CA SER A 27 -3.22 3.07 8.51
C SER A 27 -2.38 2.34 7.46
N CYS A 28 -1.08 2.62 7.46
CA CYS A 28 -0.18 1.98 6.51
C CYS A 28 0.14 0.55 6.92
N THR A 29 0.78 0.40 8.07
CA THR A 29 1.14 -0.92 8.58
C THR A 29 -0.03 -1.89 8.48
N GLN A 30 -1.23 -1.39 8.76
CA GLN A 30 -2.44 -2.21 8.70
C GLN A 30 -2.83 -2.49 7.26
N HIS A 31 -2.81 -1.45 6.43
CA HIS A 31 -3.17 -1.59 5.03
C HIS A 31 -2.31 -2.64 4.34
N GLN A 32 -1.08 -2.81 4.83
CA GLN A 32 -0.16 -3.79 4.27
C GLN A 32 -0.56 -5.20 4.66
N ARG A 33 -1.34 -5.32 5.73
CA ARG A 33 -1.80 -6.61 6.21
C ARG A 33 -2.88 -7.18 5.30
N LEU A 34 -3.81 -6.32 4.89
CA LEU A 34 -4.91 -6.73 4.01
C LEU A 34 -4.37 -7.31 2.70
N HIS A 35 -3.13 -6.96 2.37
CA HIS A 35 -2.50 -7.44 1.15
C HIS A 35 -1.83 -8.79 1.38
N THR A 36 -2.00 -9.33 2.59
CA THR A 36 -1.41 -10.62 2.92
C THR A 36 -2.27 -11.77 2.41
N GLY A 37 -3.57 -11.66 2.61
CA GLY A 37 -4.49 -12.69 2.15
C GLY A 37 -4.97 -13.59 3.28
N GLN A 38 -5.56 -14.72 2.93
CA GLN A 38 -6.07 -15.65 3.92
C GLN A 38 -4.99 -16.02 4.93
N ARG A 39 -5.37 -16.14 6.19
CA ARG A 39 -4.42 -16.48 7.25
C ARG A 39 -4.88 -17.73 8.01
N PRO A 40 -4.61 -18.90 7.42
CA PRO A 40 -4.99 -20.19 8.02
C PRO A 40 -4.16 -20.51 9.27
N SER A 41 -4.76 -20.27 10.43
CA SER A 41 -4.08 -20.53 11.70
C SER A 41 -3.37 -21.88 11.66
N GLY A 42 -2.04 -21.83 11.57
CA GLY A 42 -1.26 -23.05 11.53
C GLY A 42 -0.49 -23.21 10.23
N PRO A 43 0.69 -22.57 10.17
CA PRO A 43 1.55 -22.62 8.98
C PRO A 43 2.17 -24.00 8.77
N SER A 44 1.60 -24.77 7.86
CA SER A 44 2.09 -26.11 7.56
C SER A 44 2.82 -26.14 6.22
N SER A 45 3.67 -25.15 5.99
CA SER A 45 4.43 -25.06 4.74
C SER A 45 5.79 -24.42 4.98
N GLY A 46 6.84 -25.22 4.85
CA GLY A 46 8.19 -24.71 5.05
C GLY A 46 8.81 -25.21 6.34
N GLY A 1 -1.32 -2.58 -21.90
CA GLY A 1 0.11 -2.78 -21.76
C GLY A 1 0.46 -4.06 -21.04
N SER A 2 0.12 -5.19 -21.63
CA SER A 2 0.38 -6.49 -21.02
C SER A 2 1.82 -6.56 -20.52
N SER A 3 2.76 -6.14 -21.35
CA SER A 3 4.18 -6.16 -20.98
C SER A 3 4.52 -4.96 -20.08
N GLY A 4 5.65 -5.06 -19.40
CA GLY A 4 6.08 -4.00 -18.51
C GLY A 4 6.09 -2.65 -19.21
N SER A 5 6.36 -1.59 -18.45
CA SER A 5 6.41 -0.24 -18.99
C SER A 5 7.75 0.44 -18.66
N SER A 6 8.09 1.45 -19.44
CA SER A 6 9.34 2.18 -19.24
C SER A 6 9.13 3.37 -18.31
N GLY A 7 9.98 3.50 -17.30
CA GLY A 7 9.87 4.60 -16.37
C GLY A 7 9.68 4.13 -14.94
N THR A 8 10.60 3.30 -14.47
CA THR A 8 10.53 2.78 -13.10
C THR A 8 10.68 3.90 -12.08
N GLY A 9 9.55 4.48 -11.70
CA GLY A 9 9.57 5.56 -10.72
C GLY A 9 8.44 5.45 -9.71
N GLU A 10 8.69 4.73 -8.62
CA GLU A 10 7.70 4.55 -7.58
C GLU A 10 7.89 5.56 -6.45
N LYS A 11 6.79 5.98 -5.83
CA LYS A 11 6.84 6.93 -4.74
C LYS A 11 7.45 6.31 -3.49
N PRO A 12 8.21 7.11 -2.73
CA PRO A 12 8.86 6.65 -1.50
C PRO A 12 7.86 6.39 -0.38
N TYR A 13 6.89 7.28 -0.24
CA TYR A 13 5.88 7.14 0.80
C TYR A 13 4.61 6.51 0.23
N LYS A 14 4.78 5.47 -0.56
CA LYS A 14 3.64 4.76 -1.16
C LYS A 14 3.83 3.26 -1.10
N CYS A 15 2.77 2.51 -1.43
CA CYS A 15 2.83 1.06 -1.41
C CYS A 15 3.36 0.52 -2.74
N MET A 16 4.45 -0.24 -2.68
CA MET A 16 5.05 -0.81 -3.87
C MET A 16 4.22 -1.98 -4.39
N GLU A 17 3.57 -2.68 -3.47
CA GLU A 17 2.73 -3.83 -3.84
C GLU A 17 1.62 -3.41 -4.79
N CYS A 18 0.81 -2.45 -4.35
CA CYS A 18 -0.29 -1.96 -5.17
C CYS A 18 -0.29 -0.44 -5.24
N GLY A 19 -0.12 0.20 -4.09
CA GLY A 19 -0.09 1.65 -4.05
C GLY A 19 -1.25 2.23 -3.25
N LYS A 20 -0.93 2.90 -2.16
CA LYS A 20 -1.96 3.51 -1.31
C LYS A 20 -1.35 4.56 -0.39
N ALA A 21 -1.94 5.75 -0.38
CA ALA A 21 -1.46 6.85 0.45
C ALA A 21 -2.03 6.74 1.86
N PHE A 22 -1.16 6.88 2.86
CA PHE A 22 -1.57 6.81 4.25
C PHE A 22 -1.04 8.00 5.04
N GLY A 23 -1.94 8.72 5.71
CA GLY A 23 -1.54 9.86 6.49
C GLY A 23 -0.69 9.49 7.69
N ASP A 24 -1.21 8.61 8.52
CA ASP A 24 -0.50 8.16 9.71
C ASP A 24 0.09 6.77 9.50
N ASN A 25 1.11 6.44 10.28
CA ASN A 25 1.76 5.13 10.19
C ASN A 25 0.82 4.02 10.62
N SER A 26 0.11 4.24 11.72
CA SER A 26 -0.82 3.26 12.24
C SER A 26 -1.67 2.67 11.12
N SER A 27 -2.41 3.53 10.43
CA SER A 27 -3.26 3.09 9.33
C SER A 27 -2.45 2.40 8.24
N CYS A 28 -1.35 3.02 7.85
CA CYS A 28 -0.48 2.47 6.81
C CYS A 28 -0.22 0.99 7.07
N THR A 29 0.46 0.69 8.16
CA THR A 29 0.78 -0.69 8.52
C THR A 29 -0.41 -1.60 8.29
N GLN A 30 -1.56 -1.22 8.83
CA GLN A 30 -2.78 -2.01 8.68
C GLN A 30 -2.92 -2.52 7.26
N HIS A 31 -2.76 -1.62 6.30
CA HIS A 31 -2.87 -1.97 4.89
C HIS A 31 -2.27 -3.35 4.62
N GLN A 32 -1.11 -3.61 5.22
CA GLN A 32 -0.43 -4.89 5.05
C GLN A 32 -1.39 -6.05 5.24
N ARG A 33 -2.17 -6.00 6.33
CA ARG A 33 -3.13 -7.05 6.63
C ARG A 33 -4.00 -7.35 5.41
N LEU A 34 -4.49 -6.30 4.76
CA LEU A 34 -5.34 -6.45 3.59
C LEU A 34 -4.63 -7.26 2.51
N HIS A 35 -3.36 -6.96 2.27
CA HIS A 35 -2.57 -7.67 1.28
C HIS A 35 -2.54 -9.16 1.56
N THR A 36 -2.36 -9.51 2.84
CA THR A 36 -2.31 -10.90 3.25
C THR A 36 -3.70 -11.44 3.56
N GLY A 37 -4.41 -11.88 2.54
CA GLY A 37 -5.75 -12.41 2.73
C GLY A 37 -5.82 -13.91 2.52
N GLN A 38 -5.79 -14.32 1.25
CA GLN A 38 -5.85 -15.74 0.91
C GLN A 38 -4.46 -16.36 0.89
N ARG A 39 -4.09 -17.02 1.98
CA ARG A 39 -2.79 -17.65 2.09
C ARG A 39 -2.92 -19.07 2.64
N PRO A 40 -3.32 -20.01 1.77
CA PRO A 40 -3.49 -21.42 2.15
C PRO A 40 -2.15 -22.11 2.44
N SER A 41 -1.11 -21.71 1.71
CA SER A 41 0.21 -22.28 1.89
C SER A 41 1.27 -21.19 2.01
N GLY A 42 2.38 -21.52 2.65
CA GLY A 42 3.46 -20.56 2.81
C GLY A 42 4.61 -21.11 3.62
N PRO A 43 5.84 -20.68 3.29
CA PRO A 43 7.05 -21.13 3.98
C PRO A 43 7.15 -20.57 5.40
N SER A 44 6.96 -19.27 5.53
CA SER A 44 7.03 -18.61 6.83
C SER A 44 5.70 -17.94 7.17
N SER A 45 5.13 -17.25 6.19
CA SER A 45 3.85 -16.56 6.38
C SER A 45 2.75 -17.55 6.77
N GLY A 46 2.44 -17.59 8.07
CA GLY A 46 1.41 -18.49 8.55
C GLY A 46 1.75 -19.94 8.29
N GLY A 1 10.75 25.67 13.84
CA GLY A 1 9.40 25.72 14.36
C GLY A 1 8.78 24.34 14.50
N SER A 2 8.99 23.71 15.65
CA SER A 2 8.45 22.39 15.91
C SER A 2 8.51 21.52 14.66
N SER A 3 9.63 21.61 13.94
CA SER A 3 9.82 20.84 12.72
C SER A 3 10.59 19.56 13.00
N GLY A 4 10.00 18.42 12.61
CA GLY A 4 10.63 17.14 12.83
C GLY A 4 11.07 16.48 11.54
N SER A 5 10.20 16.51 10.54
CA SER A 5 10.49 15.91 9.24
C SER A 5 11.30 16.87 8.38
N SER A 6 12.57 17.06 8.73
CA SER A 6 13.44 17.94 7.98
C SER A 6 13.89 17.30 6.68
N GLY A 7 14.03 18.12 5.63
CA GLY A 7 14.45 17.61 4.34
C GLY A 7 13.30 17.45 3.37
N THR A 8 13.57 16.87 2.21
CA THR A 8 12.54 16.67 1.20
C THR A 8 12.18 15.19 1.08
N GLY A 9 10.92 14.92 0.75
CA GLY A 9 10.46 13.55 0.61
C GLY A 9 9.41 13.39 -0.45
N GLU A 10 8.21 13.91 -0.18
CA GLU A 10 7.11 13.82 -1.14
C GLU A 10 6.56 12.39 -1.21
N LYS A 11 6.39 11.78 -0.04
CA LYS A 11 5.87 10.42 0.04
C LYS A 11 6.80 9.44 -0.64
N PRO A 12 8.08 9.44 -0.23
CA PRO A 12 9.10 8.55 -0.79
C PRO A 12 8.87 7.09 -0.41
N TYR A 13 8.32 6.88 0.78
CA TYR A 13 8.05 5.53 1.27
C TYR A 13 6.57 5.19 1.13
N LYS A 14 6.21 4.57 0.02
CA LYS A 14 4.83 4.19 -0.23
C LYS A 14 4.74 2.74 -0.70
N CYS A 15 3.66 2.07 -0.33
CA CYS A 15 3.45 0.68 -0.70
C CYS A 15 3.61 0.49 -2.22
N MET A 16 4.28 -0.59 -2.60
CA MET A 16 4.49 -0.88 -4.02
C MET A 16 3.45 -1.86 -4.53
N GLU A 17 2.94 -2.70 -3.64
CA GLU A 17 1.94 -3.70 -4.02
C GLU A 17 0.76 -3.03 -4.73
N CYS A 18 0.07 -2.14 -4.03
CA CYS A 18 -1.07 -1.44 -4.59
C CYS A 18 -0.71 0.00 -4.94
N GLY A 19 -0.03 0.68 -4.02
CA GLY A 19 0.37 2.05 -4.25
C GLY A 19 -0.70 3.04 -3.84
N LYS A 20 -1.10 2.99 -2.58
CA LYS A 20 -2.12 3.88 -2.05
C LYS A 20 -1.51 4.90 -1.09
N ALA A 21 -2.07 6.11 -1.08
CA ALA A 21 -1.59 7.16 -0.20
C ALA A 21 -2.18 7.04 1.20
N PHE A 22 -1.41 7.41 2.21
CA PHE A 22 -1.86 7.34 3.59
C PHE A 22 -1.49 8.61 4.34
N GLY A 23 -1.93 8.69 5.60
CA GLY A 23 -1.64 9.85 6.41
C GLY A 23 -1.00 9.49 7.74
N ASP A 24 -1.49 8.42 8.36
CA ASP A 24 -0.97 7.97 9.64
C ASP A 24 -0.37 6.58 9.52
N ASN A 25 0.81 6.39 10.12
CA ASN A 25 1.48 5.10 10.08
C ASN A 25 0.54 3.97 10.48
N SER A 26 -0.11 4.13 11.64
CA SER A 26 -1.04 3.12 12.14
C SER A 26 -1.83 2.50 10.99
N SER A 27 -2.28 3.34 10.06
CA SER A 27 -3.06 2.87 8.92
C SER A 27 -2.16 2.17 7.91
N CYS A 28 -1.05 2.81 7.56
CA CYS A 28 -0.11 2.24 6.60
C CYS A 28 0.29 0.83 7.00
N THR A 29 0.52 0.63 8.30
CA THR A 29 0.92 -0.68 8.81
C THR A 29 -0.21 -1.69 8.63
N GLN A 30 -1.28 -1.54 9.42
CA GLN A 30 -2.42 -2.43 9.34
C GLN A 30 -2.75 -2.78 7.90
N HIS A 31 -2.77 -1.77 7.04
CA HIS A 31 -3.08 -1.98 5.63
C HIS A 31 -2.48 -3.29 5.12
N GLN A 32 -1.19 -3.49 5.40
CA GLN A 32 -0.51 -4.71 4.98
C GLN A 32 -1.41 -5.93 5.15
N ARG A 33 -2.07 -6.01 6.30
CA ARG A 33 -2.96 -7.13 6.59
C ARG A 33 -3.80 -7.49 5.37
N LEU A 34 -4.38 -6.47 4.73
CA LEU A 34 -5.22 -6.67 3.56
C LEU A 34 -4.44 -7.38 2.45
N HIS A 35 -3.18 -6.97 2.27
CA HIS A 35 -2.33 -7.58 1.25
C HIS A 35 -2.04 -9.04 1.57
N THR A 36 -1.96 -9.35 2.86
CA THR A 36 -1.68 -10.71 3.31
C THR A 36 -2.96 -11.39 3.80
N GLY A 37 -4.06 -11.14 3.11
CA GLY A 37 -5.33 -11.74 3.49
C GLY A 37 -5.92 -12.61 2.40
N GLN A 38 -5.89 -13.92 2.61
CA GLN A 38 -6.43 -14.86 1.63
C GLN A 38 -7.86 -14.50 1.25
N ARG A 39 -8.03 -13.99 0.04
CA ARG A 39 -9.35 -13.60 -0.44
C ARG A 39 -10.10 -14.80 -1.01
N PRO A 40 -11.43 -14.82 -0.81
CA PRO A 40 -12.28 -15.91 -1.30
C PRO A 40 -12.42 -15.91 -2.82
N SER A 41 -12.72 -17.07 -3.37
CA SER A 41 -12.88 -17.20 -4.82
C SER A 41 -14.35 -17.06 -5.22
N GLY A 42 -14.64 -15.99 -5.96
CA GLY A 42 -16.01 -15.76 -6.40
C GLY A 42 -16.49 -16.81 -7.40
N PRO A 43 -16.35 -16.50 -8.69
CA PRO A 43 -16.77 -17.40 -9.77
C PRO A 43 -15.87 -18.64 -9.86
N SER A 44 -14.61 -18.48 -9.51
CA SER A 44 -13.64 -19.58 -9.55
C SER A 44 -14.03 -20.67 -8.56
N SER A 45 -13.62 -21.90 -8.86
CA SER A 45 -13.92 -23.04 -7.99
C SER A 45 -12.83 -23.21 -6.93
N GLY A 46 -13.25 -23.36 -5.69
CA GLY A 46 -12.30 -23.54 -4.60
C GLY A 46 -12.98 -23.74 -3.26
N GLY A 1 22.99 2.13 -25.18
CA GLY A 1 23.65 2.34 -23.92
C GLY A 1 22.77 1.99 -22.73
N SER A 2 23.20 1.02 -21.93
CA SER A 2 22.44 0.61 -20.76
C SER A 2 22.14 1.79 -19.86
N SER A 3 20.85 2.04 -19.64
CA SER A 3 20.42 3.15 -18.80
C SER A 3 20.53 2.79 -17.31
N GLY A 4 21.27 3.60 -16.57
CA GLY A 4 21.44 3.36 -15.16
C GLY A 4 20.13 3.16 -14.43
N SER A 5 20.16 2.39 -13.34
CA SER A 5 18.96 2.12 -12.57
C SER A 5 18.48 3.38 -11.84
N SER A 6 17.18 3.45 -11.57
CA SER A 6 16.60 4.59 -10.89
C SER A 6 17.47 5.04 -9.73
N GLY A 7 17.69 6.35 -9.62
CA GLY A 7 18.51 6.88 -8.55
C GLY A 7 17.77 7.91 -7.71
N THR A 8 16.98 8.75 -8.36
CA THR A 8 16.22 9.78 -7.66
C THR A 8 15.57 9.22 -6.40
N GLY A 9 15.27 10.12 -5.46
CA GLY A 9 14.65 9.70 -4.22
C GLY A 9 13.53 8.70 -4.43
N GLU A 10 13.03 8.12 -3.34
CA GLU A 10 11.95 7.15 -3.42
C GLU A 10 10.95 7.35 -2.27
N LYS A 11 9.85 6.62 -2.33
CA LYS A 11 8.81 6.71 -1.30
C LYS A 11 8.74 5.42 -0.49
N PRO A 12 9.68 5.25 0.45
CA PRO A 12 9.74 4.06 1.31
C PRO A 12 8.59 4.01 2.31
N TYR A 13 7.94 5.16 2.51
CA TYR A 13 6.82 5.24 3.44
C TYR A 13 5.49 5.12 2.70
N LYS A 14 5.47 4.31 1.66
CA LYS A 14 4.26 4.10 0.87
C LYS A 14 4.08 2.62 0.52
N CYS A 15 2.90 2.28 0.00
CA CYS A 15 2.62 0.90 -0.38
C CYS A 15 3.10 0.62 -1.80
N MET A 16 4.06 -0.28 -1.92
CA MET A 16 4.61 -0.65 -3.23
C MET A 16 3.85 -1.83 -3.82
N GLU A 17 2.77 -2.24 -3.14
CA GLU A 17 1.96 -3.35 -3.61
C GLU A 17 0.81 -2.87 -4.50
N CYS A 18 0.02 -1.94 -3.97
CA CYS A 18 -1.11 -1.39 -4.71
C CYS A 18 -0.81 0.02 -5.20
N GLY A 19 -0.25 0.84 -4.31
CA GLY A 19 0.07 2.20 -4.66
C GLY A 19 -0.99 3.19 -4.23
N LYS A 20 -1.09 3.43 -2.92
CA LYS A 20 -2.08 4.36 -2.38
C LYS A 20 -1.43 5.35 -1.42
N ALA A 21 -2.03 6.53 -1.30
CA ALA A 21 -1.51 7.56 -0.40
C ALA A 21 -2.01 7.35 1.01
N PHE A 22 -1.12 7.55 1.99
CA PHE A 22 -1.46 7.39 3.39
C PHE A 22 -0.93 8.55 4.22
N GLY A 23 -1.66 8.90 5.27
CA GLY A 23 -1.24 10.00 6.13
C GLY A 23 -0.49 9.51 7.36
N ASP A 24 -1.07 8.55 8.07
CA ASP A 24 -0.45 8.02 9.27
C ASP A 24 0.05 6.59 9.02
N ASN A 25 1.29 6.32 9.41
CA ASN A 25 1.89 5.00 9.23
C ASN A 25 0.99 3.92 9.82
N SER A 26 0.47 4.17 11.02
CA SER A 26 -0.40 3.20 11.69
C SER A 26 -1.38 2.58 10.70
N SER A 27 -2.03 3.44 9.91
CA SER A 27 -3.00 2.96 8.91
C SER A 27 -2.36 1.95 7.97
N CYS A 28 -1.17 2.27 7.47
CA CYS A 28 -0.46 1.40 6.56
C CYS A 28 -0.27 0.02 7.17
N THR A 29 -0.21 -0.04 8.50
CA THR A 29 -0.03 -1.30 9.20
C THR A 29 -1.18 -2.27 8.90
N GLN A 30 -2.40 -1.84 9.19
CA GLN A 30 -3.57 -2.67 8.96
C GLN A 30 -3.82 -2.85 7.46
N HIS A 31 -3.24 -1.95 6.66
CA HIS A 31 -3.40 -2.00 5.21
C HIS A 31 -2.38 -2.95 4.59
N GLN A 32 -1.39 -3.35 5.38
CA GLN A 32 -0.35 -4.25 4.91
C GLN A 32 -0.77 -5.71 5.10
N ARG A 33 -1.15 -6.04 6.33
CA ARG A 33 -1.56 -7.40 6.65
C ARG A 33 -2.72 -7.85 5.75
N LEU A 34 -3.52 -6.88 5.31
CA LEU A 34 -4.66 -7.17 4.44
C LEU A 34 -4.19 -7.69 3.08
N HIS A 35 -3.14 -7.07 2.55
CA HIS A 35 -2.59 -7.47 1.27
C HIS A 35 -2.15 -8.93 1.28
N THR A 36 -1.55 -9.35 2.38
CA THR A 36 -1.09 -10.73 2.53
C THR A 36 -2.13 -11.59 3.23
N GLY A 37 -1.83 -12.87 3.37
CA GLY A 37 -2.75 -13.79 4.02
C GLY A 37 -2.43 -15.24 3.74
N GLN A 38 -2.29 -15.57 2.47
CA GLN A 38 -1.98 -16.95 2.07
C GLN A 38 -2.91 -17.94 2.76
N ARG A 39 -4.19 -17.62 2.79
CA ARG A 39 -5.19 -18.48 3.43
C ARG A 39 -6.31 -18.83 2.47
N PRO A 40 -5.98 -19.62 1.44
CA PRO A 40 -6.96 -20.05 0.43
C PRO A 40 -8.00 -21.03 0.98
N SER A 41 -7.60 -21.79 2.00
CA SER A 41 -8.49 -22.75 2.61
C SER A 41 -9.82 -22.10 2.97
N GLY A 42 -10.91 -22.61 2.39
CA GLY A 42 -12.22 -22.07 2.66
C GLY A 42 -12.83 -22.63 3.93
N PRO A 43 -13.64 -23.69 3.78
CA PRO A 43 -14.30 -24.34 4.92
C PRO A 43 -13.32 -25.10 5.81
N SER A 44 -13.84 -25.84 6.77
CA SER A 44 -13.01 -26.61 7.70
C SER A 44 -13.28 -28.10 7.54
N SER A 45 -12.33 -28.92 8.01
CA SER A 45 -12.46 -30.36 7.93
C SER A 45 -13.84 -30.81 8.41
N GLY A 46 -14.35 -31.87 7.78
CA GLY A 46 -15.66 -32.38 8.16
C GLY A 46 -16.77 -31.82 7.30
N GLY A 1 -2.77 -1.54 -20.17
CA GLY A 1 -1.53 -1.29 -20.89
C GLY A 1 -1.66 -0.15 -21.88
N SER A 2 -1.84 1.07 -21.37
CA SER A 2 -1.98 2.23 -22.21
C SER A 2 -1.31 3.46 -21.57
N SER A 3 -1.20 4.54 -22.34
CA SER A 3 -0.58 5.76 -21.85
C SER A 3 -1.34 6.31 -20.65
N GLY A 4 -0.59 6.81 -19.66
CA GLY A 4 -1.20 7.36 -18.48
C GLY A 4 -0.60 8.68 -18.07
N SER A 5 -0.74 9.03 -16.79
CA SER A 5 -0.20 10.29 -16.28
C SER A 5 1.32 10.34 -16.46
N SER A 6 1.77 11.36 -17.18
CA SER A 6 3.20 11.52 -17.43
C SER A 6 3.83 12.45 -16.40
N GLY A 7 3.45 12.26 -15.14
CA GLY A 7 3.99 13.09 -14.06
C GLY A 7 3.00 14.13 -13.59
N THR A 8 2.15 13.74 -12.65
CA THR A 8 1.14 14.66 -12.09
C THR A 8 1.66 15.35 -10.85
N GLY A 9 1.99 14.56 -9.82
CA GLY A 9 2.49 15.12 -8.58
C GLY A 9 2.23 14.22 -7.40
N GLU A 10 2.85 13.04 -7.41
CA GLU A 10 2.69 12.08 -6.32
C GLU A 10 3.99 11.90 -5.55
N LYS A 11 3.86 11.59 -4.27
CA LYS A 11 5.02 11.39 -3.41
C LYS A 11 5.82 10.17 -3.84
N PRO A 12 7.15 10.25 -3.71
CA PRO A 12 8.05 9.16 -4.08
C PRO A 12 7.94 7.97 -3.14
N TYR A 13 7.20 8.15 -2.05
CA TYR A 13 7.01 7.09 -1.06
C TYR A 13 5.58 6.57 -1.09
N LYS A 14 5.37 5.47 -1.82
CA LYS A 14 4.05 4.88 -1.92
C LYS A 14 4.13 3.35 -1.85
N CYS A 15 3.00 2.71 -1.63
CA CYS A 15 2.94 1.25 -1.53
C CYS A 15 3.35 0.62 -2.86
N MET A 16 4.23 -0.38 -2.78
CA MET A 16 4.70 -1.08 -3.97
C MET A 16 3.71 -2.14 -4.41
N GLU A 17 3.09 -2.82 -3.45
CA GLU A 17 2.11 -3.85 -3.74
C GLU A 17 1.00 -3.31 -4.65
N CYS A 18 0.24 -2.36 -4.13
CA CYS A 18 -0.85 -1.76 -4.89
C CYS A 18 -0.61 -0.27 -5.12
N GLY A 19 -0.21 0.42 -4.06
CA GLY A 19 0.04 1.85 -4.17
C GLY A 19 -1.06 2.69 -3.56
N LYS A 20 -0.87 3.12 -2.33
CA LYS A 20 -1.86 3.94 -1.63
C LYS A 20 -1.17 4.97 -0.74
N ALA A 21 -1.77 6.16 -0.66
CA ALA A 21 -1.22 7.23 0.17
C ALA A 21 -1.83 7.20 1.57
N PHE A 22 -1.02 7.57 2.56
CA PHE A 22 -1.47 7.59 3.94
C PHE A 22 -0.80 8.72 4.73
N GLY A 23 -1.33 9.01 5.91
CA GLY A 23 -0.78 10.06 6.73
C GLY A 23 -0.06 9.54 7.96
N ASP A 24 -0.71 8.63 8.68
CA ASP A 24 -0.13 8.05 9.88
C ASP A 24 0.22 6.58 9.65
N ASN A 25 1.13 6.06 10.47
CA ASN A 25 1.55 4.67 10.35
C ASN A 25 0.38 3.72 10.60
N SER A 26 -0.39 4.01 11.64
CA SER A 26 -1.54 3.18 11.99
C SER A 26 -2.30 2.76 10.74
N SER A 27 -2.69 3.73 9.93
CA SER A 27 -3.42 3.46 8.69
C SER A 27 -2.72 2.38 7.87
N CYS A 28 -1.41 2.53 7.71
CA CYS A 28 -0.61 1.58 6.95
C CYS A 28 -0.58 0.21 7.63
N THR A 29 -0.49 0.23 8.97
CA THR A 29 -0.45 -1.00 9.74
C THR A 29 -1.32 -2.08 9.10
N GLN A 30 -2.62 -1.83 9.04
CA GLN A 30 -3.56 -2.78 8.46
C GLN A 30 -3.29 -2.97 6.97
N HIS A 31 -3.05 -1.87 6.28
CA HIS A 31 -2.78 -1.92 4.84
C HIS A 31 -1.88 -3.11 4.51
N GLN A 32 -0.91 -3.37 5.37
CA GLN A 32 0.02 -4.48 5.16
C GLN A 32 -0.67 -5.82 5.41
N ARG A 33 -1.56 -5.85 6.39
CA ARG A 33 -2.28 -7.06 6.74
C ARG A 33 -3.13 -7.53 5.56
N LEU A 34 -4.12 -6.73 5.19
CA LEU A 34 -5.01 -7.06 4.08
C LEU A 34 -4.22 -7.48 2.86
N HIS A 35 -2.93 -7.12 2.83
CA HIS A 35 -2.06 -7.46 1.72
C HIS A 35 -1.55 -8.90 1.85
N THR A 36 -2.18 -9.67 2.72
CA THR A 36 -1.79 -11.05 2.95
C THR A 36 -2.65 -12.01 2.13
N GLY A 37 -2.95 -11.62 0.90
CA GLY A 37 -3.77 -12.44 0.03
C GLY A 37 -3.19 -13.83 -0.15
N GLN A 38 -3.89 -14.67 -0.91
CA GLN A 38 -3.43 -16.03 -1.18
C GLN A 38 -3.53 -16.37 -2.65
N ARG A 39 -2.40 -16.33 -3.34
CA ARG A 39 -2.35 -16.63 -4.77
C ARG A 39 -3.46 -15.89 -5.51
N PRO A 40 -3.49 -14.56 -5.34
CA PRO A 40 -4.49 -13.70 -5.99
C PRO A 40 -4.28 -13.59 -7.49
N SER A 41 -3.27 -14.30 -8.00
CA SER A 41 -2.96 -14.29 -9.41
C SER A 41 -2.45 -12.91 -9.84
N GLY A 42 -1.66 -12.29 -8.99
CA GLY A 42 -1.12 -10.98 -9.29
C GLY A 42 -2.20 -9.97 -9.67
N PRO A 43 -2.83 -9.38 -8.65
CA PRO A 43 -3.89 -8.39 -8.86
C PRO A 43 -3.37 -7.08 -9.43
N SER A 44 -3.32 -7.00 -10.75
CA SER A 44 -2.83 -5.80 -11.44
C SER A 44 -3.70 -4.59 -11.09
N SER A 45 -3.42 -3.98 -9.94
CA SER A 45 -4.17 -2.82 -9.48
C SER A 45 -3.49 -1.54 -9.92
N GLY A 46 -4.27 -0.60 -10.45
CA GLY A 46 -3.73 0.66 -10.90
C GLY A 46 -4.80 1.66 -11.31
N GLY A 1 14.92 15.34 -6.47
CA GLY A 1 14.99 16.33 -7.52
C GLY A 1 15.34 17.71 -6.99
N SER A 2 14.63 18.14 -5.95
CA SER A 2 14.88 19.44 -5.35
C SER A 2 14.61 20.56 -6.35
N SER A 3 13.52 20.41 -7.12
CA SER A 3 13.16 21.40 -8.12
C SER A 3 11.66 21.35 -8.41
N GLY A 4 11.09 22.48 -8.80
CA GLY A 4 9.67 22.55 -9.10
C GLY A 4 9.33 21.84 -10.39
N SER A 5 8.35 20.94 -10.33
CA SER A 5 7.92 20.18 -11.50
C SER A 5 9.10 19.42 -12.11
N SER A 6 9.85 18.74 -11.26
CA SER A 6 11.01 17.96 -11.71
C SER A 6 10.75 16.47 -11.58
N GLY A 7 10.02 15.91 -12.54
CA GLY A 7 9.71 14.49 -12.52
C GLY A 7 9.50 13.98 -11.12
N THR A 8 8.37 14.32 -10.52
CA THR A 8 8.05 13.88 -9.16
C THR A 8 7.57 12.44 -9.15
N GLY A 9 6.60 12.14 -10.01
CA GLY A 9 6.07 10.79 -10.07
C GLY A 9 5.35 10.39 -8.81
N GLU A 10 6.04 9.63 -7.96
CA GLU A 10 5.46 9.17 -6.70
C GLU A 10 6.50 9.22 -5.58
N LYS A 11 6.02 9.26 -4.34
CA LYS A 11 6.89 9.30 -3.18
C LYS A 11 7.45 7.91 -2.86
N PRO A 12 8.71 7.87 -2.40
CA PRO A 12 9.39 6.62 -2.06
C PRO A 12 8.80 5.98 -0.80
N TYR A 13 7.81 6.63 -0.22
CA TYR A 13 7.17 6.13 1.00
C TYR A 13 5.73 5.72 0.72
N LYS A 14 5.53 4.98 -0.37
CA LYS A 14 4.20 4.52 -0.75
C LYS A 14 4.20 3.02 -1.03
N CYS A 15 3.08 2.36 -0.74
CA CYS A 15 2.95 0.93 -0.96
C CYS A 15 3.36 0.56 -2.38
N MET A 16 4.10 -0.54 -2.51
CA MET A 16 4.55 -1.00 -3.81
C MET A 16 3.64 -2.09 -4.35
N GLU A 17 3.07 -2.88 -3.44
CA GLU A 17 2.17 -3.97 -3.84
C GLU A 17 1.12 -3.47 -4.83
N CYS A 18 0.30 -2.53 -4.38
CA CYS A 18 -0.76 -1.97 -5.24
C CYS A 18 -0.54 -0.48 -5.46
N GLY A 19 -0.26 0.24 -4.38
CA GLY A 19 -0.03 1.67 -4.47
C GLY A 19 -1.11 2.48 -3.78
N LYS A 20 -0.79 3.00 -2.60
CA LYS A 20 -1.74 3.79 -1.83
C LYS A 20 -1.02 4.65 -0.80
N ALA A 21 -1.52 5.86 -0.58
CA ALA A 21 -0.92 6.78 0.38
C ALA A 21 -1.80 6.92 1.62
N PHE A 22 -1.17 6.92 2.79
CA PHE A 22 -1.89 7.04 4.05
C PHE A 22 -1.39 8.26 4.84
N GLY A 23 -2.15 8.63 5.86
CA GLY A 23 -1.78 9.77 6.69
C GLY A 23 -0.83 9.38 7.81
N ASP A 24 -1.34 8.61 8.77
CA ASP A 24 -0.53 8.17 9.90
C ASP A 24 0.01 6.76 9.68
N ASN A 25 1.21 6.50 10.18
CA ASN A 25 1.84 5.20 10.03
C ASN A 25 0.90 4.08 10.50
N SER A 26 0.36 4.24 11.71
CA SER A 26 -0.55 3.25 12.26
C SER A 26 -1.47 2.69 11.19
N SER A 27 -2.24 3.57 10.56
CA SER A 27 -3.17 3.16 9.51
C SER A 27 -2.47 2.28 8.48
N CYS A 28 -1.43 2.82 7.85
CA CYS A 28 -0.68 2.09 6.84
C CYS A 28 -0.55 0.62 7.22
N THR A 29 -0.13 0.35 8.45
CA THR A 29 0.04 -1.01 8.93
C THR A 29 -1.11 -1.90 8.46
N GLN A 30 -2.32 -1.56 8.90
CA GLN A 30 -3.51 -2.32 8.52
C GLN A 30 -3.46 -2.71 7.05
N HIS A 31 -3.24 -1.72 6.19
CA HIS A 31 -3.17 -1.96 4.75
C HIS A 31 -2.17 -3.06 4.42
N GLN A 32 -0.98 -2.96 4.99
CA GLN A 32 0.06 -3.95 4.76
C GLN A 32 -0.45 -5.36 5.04
N ARG A 33 -1.42 -5.45 5.95
CA ARG A 33 -1.99 -6.74 6.32
C ARG A 33 -3.02 -7.19 5.28
N LEU A 34 -4.01 -6.34 5.05
CA LEU A 34 -5.07 -6.65 4.08
C LEU A 34 -4.48 -7.27 2.82
N HIS A 35 -3.23 -6.96 2.53
CA HIS A 35 -2.55 -7.49 1.36
C HIS A 35 -2.24 -8.98 1.53
N THR A 36 -1.80 -9.34 2.74
CA THR A 36 -1.47 -10.73 3.04
C THR A 36 -2.73 -11.57 3.22
N GLY A 37 -2.59 -12.88 3.07
CA GLY A 37 -3.72 -13.78 3.23
C GLY A 37 -4.08 -14.01 4.69
N GLN A 38 -5.37 -14.08 4.98
CA GLN A 38 -5.83 -14.30 6.35
C GLN A 38 -6.39 -15.72 6.50
N ARG A 39 -7.14 -16.17 5.50
CA ARG A 39 -7.74 -17.50 5.54
C ARG A 39 -8.07 -17.97 4.13
N PRO A 40 -7.90 -19.28 3.88
CA PRO A 40 -8.18 -19.89 2.58
C PRO A 40 -9.67 -19.94 2.27
N SER A 41 -10.01 -19.84 0.99
CA SER A 41 -11.42 -19.87 0.57
C SER A 41 -12.03 -21.24 0.84
N GLY A 42 -13.00 -21.28 1.76
CA GLY A 42 -13.65 -22.53 2.09
C GLY A 42 -14.58 -22.40 3.28
N PRO A 43 -15.78 -21.84 3.05
CA PRO A 43 -16.78 -21.65 4.10
C PRO A 43 -17.37 -22.96 4.59
N SER A 44 -17.56 -23.08 5.89
CA SER A 44 -18.12 -24.28 6.48
C SER A 44 -19.58 -24.46 6.08
N SER A 45 -19.79 -25.11 4.94
CA SER A 45 -21.15 -25.34 4.44
C SER A 45 -21.76 -26.58 5.09
N GLY A 46 -23.09 -26.63 5.09
CA GLY A 46 -23.79 -27.77 5.69
C GLY A 46 -25.00 -27.34 6.49
N GLY A 1 1.99 11.44 -27.61
CA GLY A 1 2.89 10.44 -27.07
C GLY A 1 3.01 10.52 -25.56
N SER A 2 4.00 11.27 -25.08
CA SER A 2 4.22 11.43 -23.65
C SER A 2 4.42 12.90 -23.28
N SER A 3 3.33 13.54 -22.87
CA SER A 3 3.38 14.95 -22.49
C SER A 3 2.24 15.30 -21.53
N GLY A 4 2.60 15.94 -20.43
CA GLY A 4 1.60 16.32 -19.44
C GLY A 4 1.96 15.87 -18.04
N SER A 5 0.96 15.70 -17.19
CA SER A 5 1.18 15.28 -15.81
C SER A 5 0.00 14.48 -15.29
N SER A 6 0.24 13.20 -14.99
CA SER A 6 -0.80 12.32 -14.48
C SER A 6 -0.39 11.70 -13.15
N GLY A 7 -1.36 11.07 -12.49
CA GLY A 7 -1.07 10.44 -11.20
C GLY A 7 0.21 9.64 -11.23
N THR A 8 1.25 10.16 -10.58
CA THR A 8 2.54 9.49 -10.54
C THR A 8 3.28 9.81 -9.24
N GLY A 9 3.61 8.77 -8.48
CA GLY A 9 4.31 8.97 -7.23
C GLY A 9 4.84 7.66 -6.65
N GLU A 10 6.07 7.69 -6.16
CA GLU A 10 6.70 6.50 -5.58
C GLU A 10 7.23 6.80 -4.19
N LYS A 11 6.43 7.51 -3.39
CA LYS A 11 6.83 7.86 -2.03
C LYS A 11 7.32 6.62 -1.28
N PRO A 12 8.32 6.82 -0.42
CA PRO A 12 8.90 5.74 0.38
C PRO A 12 7.95 5.24 1.47
N TYR A 13 7.32 6.18 2.16
CA TYR A 13 6.38 5.83 3.23
C TYR A 13 4.99 5.53 2.66
N LYS A 14 4.97 4.76 1.57
CA LYS A 14 3.72 4.40 0.93
C LYS A 14 3.74 2.94 0.50
N CYS A 15 2.57 2.30 0.51
CA CYS A 15 2.45 0.90 0.12
C CYS A 15 3.08 0.67 -1.25
N MET A 16 4.16 -0.09 -1.29
CA MET A 16 4.85 -0.39 -2.54
C MET A 16 4.37 -1.72 -3.12
N GLU A 17 3.30 -2.25 -2.54
CA GLU A 17 2.74 -3.52 -3.01
C GLU A 17 1.63 -3.28 -4.02
N CYS A 18 0.86 -2.22 -3.82
CA CYS A 18 -0.24 -1.87 -4.72
C CYS A 18 -0.18 -0.40 -5.11
N GLY A 19 0.05 0.46 -4.13
CA GLY A 19 0.12 1.88 -4.40
C GLY A 19 -1.06 2.65 -3.84
N LYS A 20 -1.15 2.70 -2.51
CA LYS A 20 -2.25 3.40 -1.85
C LYS A 20 -1.79 4.75 -1.32
N ALA A 21 -2.68 5.44 -0.61
CA ALA A 21 -2.37 6.75 -0.05
C ALA A 21 -2.97 6.92 1.34
N PHE A 22 -2.11 7.12 2.33
CA PHE A 22 -2.56 7.29 3.70
C PHE A 22 -1.84 8.46 4.37
N GLY A 23 -2.38 8.91 5.51
CA GLY A 23 -1.77 10.02 6.22
C GLY A 23 -0.73 9.56 7.22
N ASP A 24 -1.14 8.73 8.17
CA ASP A 24 -0.24 8.22 9.20
C ASP A 24 0.24 6.82 8.84
N ASN A 25 1.50 6.53 9.15
CA ASN A 25 2.07 5.23 8.87
C ASN A 25 1.33 4.12 9.61
N SER A 26 1.00 4.39 10.88
CA SER A 26 0.29 3.42 11.71
C SER A 26 -0.74 2.67 10.89
N SER A 27 -1.51 3.39 10.10
CA SER A 27 -2.55 2.79 9.26
C SER A 27 -1.92 1.91 8.18
N CYS A 28 -0.99 2.47 7.43
CA CYS A 28 -0.31 1.73 6.37
C CYS A 28 0.10 0.35 6.85
N THR A 29 0.91 0.31 7.91
CA THR A 29 1.38 -0.94 8.47
C THR A 29 0.25 -1.95 8.61
N GLN A 30 -0.94 -1.46 8.91
CA GLN A 30 -2.11 -2.32 9.07
C GLN A 30 -2.72 -2.67 7.72
N HIS A 31 -2.63 -1.74 6.78
CA HIS A 31 -3.17 -1.95 5.44
C HIS A 31 -2.59 -3.22 4.82
N GLN A 32 -1.33 -3.50 5.13
CA GLN A 32 -0.66 -4.68 4.60
C GLN A 32 -1.50 -5.93 4.83
N ARG A 33 -2.46 -5.83 5.74
CA ARG A 33 -3.32 -6.96 6.05
C ARG A 33 -4.27 -7.26 4.90
N LEU A 34 -4.69 -6.21 4.20
CA LEU A 34 -5.60 -6.36 3.06
C LEU A 34 -4.93 -7.10 1.92
N HIS A 35 -3.60 -7.01 1.85
CA HIS A 35 -2.83 -7.69 0.82
C HIS A 35 -2.85 -9.19 1.02
N THR A 36 -3.05 -9.62 2.26
CA THR A 36 -3.09 -11.04 2.59
C THR A 36 -3.88 -11.82 1.55
N GLY A 37 -3.39 -13.02 1.21
CA GLY A 37 -4.07 -13.84 0.23
C GLY A 37 -3.62 -13.54 -1.19
N GLN A 38 -4.50 -13.81 -2.16
CA GLN A 38 -4.19 -13.57 -3.56
C GLN A 38 -4.76 -12.24 -4.02
N ARG A 39 -4.46 -11.86 -5.26
CA ARG A 39 -4.94 -10.61 -5.81
C ARG A 39 -6.32 -10.79 -6.43
N PRO A 40 -7.16 -9.75 -6.30
CA PRO A 40 -8.53 -9.76 -6.84
C PRO A 40 -8.55 -9.71 -8.37
N SER A 41 -7.38 -9.51 -8.96
CA SER A 41 -7.26 -9.45 -10.42
C SER A 41 -8.17 -10.48 -11.08
N GLY A 42 -7.93 -11.75 -10.79
CA GLY A 42 -8.72 -12.81 -11.36
C GLY A 42 -7.87 -13.92 -11.95
N PRO A 43 -7.03 -13.59 -12.93
CA PRO A 43 -6.15 -14.55 -13.59
C PRO A 43 -5.03 -15.04 -12.68
N SER A 44 -4.93 -16.35 -12.53
CA SER A 44 -3.90 -16.94 -11.67
C SER A 44 -3.28 -18.17 -12.35
N SER A 45 -2.01 -18.43 -12.03
CA SER A 45 -1.31 -19.56 -12.60
C SER A 45 -1.26 -19.47 -14.12
N GLY A 46 -1.01 -18.27 -14.63
CA GLY A 46 -0.95 -18.06 -16.06
C GLY A 46 -0.08 -16.88 -16.44
N GLY A 1 16.74 19.04 -14.47
CA GLY A 1 15.31 19.11 -14.28
C GLY A 1 14.70 17.75 -13.94
N SER A 2 13.64 17.75 -13.14
CA SER A 2 12.98 16.52 -12.75
C SER A 2 12.10 15.99 -13.88
N SER A 3 11.23 16.85 -14.39
CA SER A 3 10.33 16.46 -15.48
C SER A 3 9.41 15.33 -15.05
N GLY A 4 8.89 15.42 -13.82
CA GLY A 4 8.01 14.41 -13.30
C GLY A 4 6.61 14.92 -13.07
N SER A 5 5.76 14.86 -14.08
CA SER A 5 4.39 15.33 -13.98
C SER A 5 3.41 14.16 -13.92
N SER A 6 3.77 13.14 -13.14
CA SER A 6 2.93 11.95 -12.99
C SER A 6 2.41 11.83 -11.56
N GLY A 7 3.31 11.97 -10.59
CA GLY A 7 2.92 11.87 -9.20
C GLY A 7 2.88 13.23 -8.51
N THR A 8 3.88 14.06 -8.80
CA THR A 8 3.95 15.39 -8.20
C THR A 8 3.62 15.34 -6.71
N GLY A 9 4.09 14.29 -6.03
CA GLY A 9 3.83 14.15 -4.62
C GLY A 9 5.11 13.96 -3.81
N GLU A 10 5.07 14.36 -2.55
CA GLU A 10 6.23 14.23 -1.68
C GLU A 10 6.04 13.07 -0.70
N LYS A 11 5.47 11.98 -1.19
CA LYS A 11 5.24 10.80 -0.36
C LYS A 11 6.17 9.66 -0.76
N PRO A 12 7.45 9.78 -0.37
CA PRO A 12 8.46 8.78 -0.67
C PRO A 12 8.25 7.48 0.11
N TYR A 13 7.17 7.43 0.88
CA TYR A 13 6.83 6.24 1.67
C TYR A 13 5.39 5.82 1.44
N LYS A 14 5.15 5.14 0.33
CA LYS A 14 3.81 4.67 -0.02
C LYS A 14 3.84 3.21 -0.48
N CYS A 15 2.71 2.54 -0.39
CA CYS A 15 2.60 1.15 -0.80
C CYS A 15 2.86 1.00 -2.30
N MET A 16 3.69 0.02 -2.66
CA MET A 16 4.02 -0.23 -4.06
C MET A 16 3.16 -1.34 -4.63
N GLU A 17 2.81 -2.31 -3.78
CA GLU A 17 1.99 -3.43 -4.21
C GLU A 17 0.81 -2.95 -5.06
N CYS A 18 -0.14 -2.26 -4.42
CA CYS A 18 -1.31 -1.76 -5.10
C CYS A 18 -1.08 -0.33 -5.59
N GLY A 19 -0.51 0.50 -4.71
CA GLY A 19 -0.25 1.89 -5.08
C GLY A 19 -1.15 2.86 -4.34
N LYS A 20 -0.95 2.96 -3.03
CA LYS A 20 -1.75 3.87 -2.21
C LYS A 20 -0.90 4.51 -1.12
N ALA A 21 -0.98 5.83 -1.01
CA ALA A 21 -0.22 6.57 -0.02
C ALA A 21 -1.06 6.83 1.23
N PHE A 22 -0.41 6.83 2.39
CA PHE A 22 -1.09 7.07 3.66
C PHE A 22 -0.27 7.97 4.57
N GLY A 23 -0.94 8.84 5.31
CA GLY A 23 -0.26 9.74 6.21
C GLY A 23 -0.44 9.36 7.67
N ASP A 24 -0.45 8.05 7.93
CA ASP A 24 -0.62 7.56 9.29
C ASP A 24 -0.09 6.13 9.41
N ASN A 25 0.82 5.93 10.36
CA ASN A 25 1.41 4.61 10.57
C ASN A 25 0.34 3.59 10.97
N SER A 26 -0.56 4.01 11.86
CA SER A 26 -1.63 3.15 12.33
C SER A 26 -2.43 2.59 11.16
N SER A 27 -2.65 3.43 10.15
CA SER A 27 -3.41 3.02 8.97
C SER A 27 -2.56 2.14 8.06
N CYS A 28 -1.36 2.60 7.74
CA CYS A 28 -0.45 1.86 6.87
C CYS A 28 -0.25 0.44 7.40
N THR A 29 -0.10 0.32 8.72
CA THR A 29 0.11 -0.98 9.35
C THR A 29 -1.02 -1.95 9.01
N GLN A 30 -2.25 -1.42 8.97
CA GLN A 30 -3.41 -2.24 8.65
C GLN A 30 -3.51 -2.49 7.15
N HIS A 31 -3.28 -1.44 6.36
CA HIS A 31 -3.34 -1.54 4.91
C HIS A 31 -2.49 -2.72 4.41
N GLN A 32 -1.47 -3.07 5.18
CA GLN A 32 -0.58 -4.17 4.82
C GLN A 32 -1.10 -5.49 5.37
N ARG A 33 -1.62 -5.45 6.59
CA ARG A 33 -2.15 -6.64 7.25
C ARG A 33 -2.96 -7.47 6.26
N LEU A 34 -3.60 -6.80 5.30
CA LEU A 34 -4.42 -7.48 4.30
C LEU A 34 -3.57 -7.92 3.12
N HIS A 35 -2.56 -7.12 2.78
CA HIS A 35 -1.68 -7.43 1.67
C HIS A 35 -0.87 -8.69 1.95
N THR A 36 -0.58 -8.92 3.24
CA THR A 36 0.20 -10.09 3.63
C THR A 36 -0.72 -11.28 3.91
N GLY A 37 -0.36 -12.43 3.34
CA GLY A 37 -1.17 -13.63 3.54
C GLY A 37 -2.01 -13.96 2.33
N GLN A 38 -2.68 -12.95 1.77
CA GLN A 38 -3.52 -13.15 0.60
C GLN A 38 -3.22 -12.11 -0.47
N ARG A 39 -3.71 -12.36 -1.68
CA ARG A 39 -3.48 -11.45 -2.80
C ARG A 39 -4.80 -10.98 -3.39
N PRO A 40 -4.86 -9.70 -3.77
CA PRO A 40 -6.07 -9.10 -4.35
C PRO A 40 -6.35 -9.61 -5.76
N SER A 41 -7.62 -9.89 -6.04
CA SER A 41 -8.02 -10.38 -7.35
C SER A 41 -8.56 -9.26 -8.23
N GLY A 42 -8.03 -8.06 -8.02
CA GLY A 42 -8.47 -6.91 -8.80
C GLY A 42 -7.36 -5.92 -9.03
N PRO A 43 -7.40 -5.24 -10.19
CA PRO A 43 -6.39 -4.24 -10.57
C PRO A 43 -6.48 -2.98 -9.71
N SER A 44 -5.51 -2.08 -9.87
CA SER A 44 -5.48 -0.85 -9.11
C SER A 44 -5.74 0.35 -10.03
N SER A 45 -4.95 0.45 -11.09
CA SER A 45 -5.09 1.55 -12.04
C SER A 45 -6.27 1.32 -12.98
N GLY A 46 -6.57 2.31 -13.81
CA GLY A 46 -7.68 2.19 -14.74
C GLY A 46 -7.23 2.27 -16.19
N GLY A 1 -3.99 3.62 -13.13
CA GLY A 1 -3.37 3.52 -14.43
C GLY A 1 -2.07 4.29 -14.52
N SER A 2 -1.89 5.00 -15.64
CA SER A 2 -0.67 5.78 -15.85
C SER A 2 -0.92 6.92 -16.84
N SER A 3 0.07 7.79 -17.00
CA SER A 3 -0.05 8.92 -17.91
C SER A 3 1.09 8.91 -18.93
N GLY A 4 2.30 8.67 -18.46
CA GLY A 4 3.45 8.65 -19.34
C GLY A 4 4.59 7.81 -18.79
N SER A 5 5.74 8.45 -18.59
CA SER A 5 6.92 7.76 -18.07
C SER A 5 7.24 8.25 -16.66
N SER A 6 6.81 7.49 -15.67
CA SER A 6 7.06 7.84 -14.28
C SER A 6 7.00 6.61 -13.37
N GLY A 7 7.80 6.61 -12.33
CA GLY A 7 7.83 5.49 -11.40
C GLY A 7 7.79 5.92 -9.95
N THR A 8 8.63 6.89 -9.59
CA THR A 8 8.69 7.39 -8.23
C THR A 8 8.54 8.91 -8.20
N GLY A 9 8.15 9.43 -7.04
CA GLY A 9 7.98 10.86 -6.90
C GLY A 9 8.05 11.32 -5.46
N GLU A 10 9.21 11.11 -4.83
CA GLU A 10 9.41 11.50 -3.43
C GLU A 10 8.23 11.04 -2.57
N LYS A 11 7.79 9.81 -2.80
CA LYS A 11 6.68 9.24 -2.04
C LYS A 11 7.13 8.02 -1.24
N PRO A 12 7.75 8.27 -0.08
CA PRO A 12 8.25 7.21 0.81
C PRO A 12 7.11 6.44 1.48
N TYR A 13 6.09 7.18 1.91
CA TYR A 13 4.94 6.56 2.58
C TYR A 13 3.96 6.01 1.55
N LYS A 14 4.48 5.35 0.54
CA LYS A 14 3.65 4.77 -0.51
C LYS A 14 3.72 3.25 -0.48
N CYS A 15 2.56 2.60 -0.68
CA CYS A 15 2.48 1.15 -0.68
C CYS A 15 3.16 0.56 -1.92
N MET A 16 3.98 -0.47 -1.71
CA MET A 16 4.68 -1.12 -2.81
C MET A 16 3.89 -2.32 -3.32
N GLU A 17 2.65 -2.45 -2.87
CA GLU A 17 1.79 -3.56 -3.28
C GLU A 17 0.72 -3.09 -4.25
N CYS A 18 -0.02 -2.06 -3.85
CA CYS A 18 -1.08 -1.51 -4.67
C CYS A 18 -0.69 -0.15 -5.24
N GLY A 19 -0.19 0.73 -4.37
CA GLY A 19 0.22 2.06 -4.80
C GLY A 19 -0.65 3.15 -4.22
N LYS A 20 -1.04 2.99 -2.96
CA LYS A 20 -1.88 3.97 -2.29
C LYS A 20 -1.08 4.80 -1.28
N ALA A 21 -1.56 6.00 -0.99
CA ALA A 21 -0.88 6.88 -0.05
C ALA A 21 -1.59 6.89 1.31
N PHE A 22 -0.83 7.16 2.36
CA PHE A 22 -1.38 7.18 3.71
C PHE A 22 -0.81 8.36 4.51
N GLY A 23 -1.59 8.85 5.46
CA GLY A 23 -1.14 9.96 6.28
C GLY A 23 -0.60 9.52 7.62
N ASP A 24 -1.29 8.56 8.24
CA ASP A 24 -0.88 8.04 9.54
C ASP A 24 -0.33 6.62 9.41
N ASN A 25 0.91 6.43 9.84
CA ASN A 25 1.55 5.12 9.78
C ASN A 25 0.61 4.03 10.31
N SER A 26 0.03 4.28 11.47
CA SER A 26 -0.88 3.33 12.10
C SER A 26 -1.71 2.60 11.03
N SER A 27 -2.16 3.35 10.03
CA SER A 27 -2.96 2.79 8.95
C SER A 27 -2.08 2.03 7.95
N CYS A 28 -0.96 2.64 7.60
CA CYS A 28 -0.03 2.02 6.66
C CYS A 28 0.17 0.54 6.96
N THR A 29 0.66 0.26 8.15
CA THR A 29 0.90 -1.12 8.58
C THR A 29 -0.35 -1.98 8.40
N GLN A 30 -1.34 -1.75 9.26
CA GLN A 30 -2.59 -2.51 9.20
C GLN A 30 -2.96 -2.82 7.75
N HIS A 31 -3.08 -1.78 6.94
CA HIS A 31 -3.44 -1.95 5.53
C HIS A 31 -2.76 -3.19 4.95
N GLN A 32 -1.45 -3.30 5.18
CA GLN A 32 -0.69 -4.44 4.67
C GLN A 32 -1.42 -5.75 4.93
N ARG A 33 -1.98 -5.88 6.14
CA ARG A 33 -2.71 -7.09 6.52
C ARG A 33 -3.46 -7.66 5.32
N LEU A 34 -4.31 -6.84 4.71
CA LEU A 34 -5.09 -7.27 3.55
C LEU A 34 -4.19 -7.76 2.43
N HIS A 35 -3.07 -7.08 2.24
CA HIS A 35 -2.10 -7.45 1.21
C HIS A 35 -1.48 -8.82 1.50
N THR A 36 -1.17 -9.05 2.77
CA THR A 36 -0.56 -10.31 3.19
C THR A 36 0.89 -10.40 2.73
N GLY A 37 1.68 -9.39 3.10
CA GLY A 37 3.09 -9.38 2.73
C GLY A 37 4.00 -9.63 3.90
N GLN A 38 3.47 -9.46 5.11
CA GLN A 38 4.27 -9.67 6.32
C GLN A 38 3.72 -10.85 7.12
N ARG A 39 2.56 -10.66 7.74
CA ARG A 39 1.95 -11.70 8.54
C ARG A 39 0.94 -12.51 7.71
N PRO A 40 0.92 -13.83 7.92
CA PRO A 40 0.02 -14.73 7.20
C PRO A 40 -1.44 -14.54 7.62
N SER A 41 -2.19 -13.80 6.81
CA SER A 41 -3.60 -13.54 7.10
C SER A 41 -4.47 -13.88 5.89
N GLY A 42 -4.77 -15.16 5.72
CA GLY A 42 -5.59 -15.59 4.60
C GLY A 42 -6.57 -16.68 5.00
N PRO A 43 -7.59 -16.89 4.16
CA PRO A 43 -8.62 -17.91 4.40
C PRO A 43 -8.07 -19.33 4.25
N SER A 44 -8.97 -20.31 4.40
CA SER A 44 -8.57 -21.71 4.28
C SER A 44 -9.02 -22.30 2.95
N SER A 45 -8.14 -22.23 1.95
CA SER A 45 -8.44 -22.75 0.62
C SER A 45 -7.19 -23.27 -0.05
N GLY A 46 -7.26 -24.51 -0.54
CA GLY A 46 -6.12 -25.11 -1.20
C GLY A 46 -6.44 -26.49 -1.76
N GLY A 1 7.99 25.02 -24.64
CA GLY A 1 7.39 23.74 -24.32
C GLY A 1 7.87 23.19 -22.99
N SER A 2 7.76 24.00 -21.94
CA SER A 2 8.19 23.60 -20.60
C SER A 2 7.72 22.18 -20.29
N SER A 3 8.66 21.33 -19.88
CA SER A 3 8.34 19.94 -19.55
C SER A 3 8.02 19.80 -18.06
N GLY A 4 7.06 18.93 -17.76
CA GLY A 4 6.67 18.72 -16.38
C GLY A 4 7.23 17.42 -15.82
N SER A 5 8.05 17.53 -14.78
CA SER A 5 8.66 16.36 -14.15
C SER A 5 7.60 15.52 -13.44
N SER A 6 7.55 14.23 -13.76
CA SER A 6 6.59 13.33 -13.16
C SER A 6 7.18 12.64 -11.93
N GLY A 7 6.33 12.32 -10.96
CA GLY A 7 6.78 11.67 -9.75
C GLY A 7 7.21 10.24 -9.99
N THR A 8 8.50 10.05 -10.29
CA THR A 8 9.04 8.72 -10.54
C THR A 8 9.62 8.11 -9.27
N GLY A 9 9.73 8.93 -8.22
CA GLY A 9 10.27 8.44 -6.97
C GLY A 9 9.25 7.64 -6.16
N GLU A 10 9.65 7.23 -4.96
CA GLU A 10 8.77 6.46 -4.10
C GLU A 10 8.75 7.03 -2.68
N LYS A 11 7.56 7.22 -2.13
CA LYS A 11 7.41 7.76 -0.79
C LYS A 11 7.51 6.65 0.26
N PRO A 12 7.94 7.01 1.47
CA PRO A 12 8.09 6.06 2.57
C PRO A 12 6.74 5.58 3.11
N TYR A 13 5.80 6.50 3.23
CA TYR A 13 4.46 6.17 3.73
C TYR A 13 3.53 5.82 2.58
N LYS A 14 4.04 5.06 1.61
CA LYS A 14 3.26 4.65 0.45
C LYS A 14 3.36 3.14 0.24
N CYS A 15 2.21 2.48 0.14
CA CYS A 15 2.17 1.04 -0.07
C CYS A 15 3.04 0.65 -1.25
N MET A 16 3.79 -0.45 -1.11
CA MET A 16 4.66 -0.94 -2.16
C MET A 16 3.97 -2.03 -2.97
N GLU A 17 3.05 -2.75 -2.33
CA GLU A 17 2.32 -3.82 -3.00
C GLU A 17 1.38 -3.27 -4.06
N CYS A 18 0.33 -2.60 -3.62
CA CYS A 18 -0.65 -2.02 -4.54
C CYS A 18 -0.29 -0.57 -4.86
N GLY A 19 0.02 0.20 -3.83
CA GLY A 19 0.38 1.60 -4.02
C GLY A 19 -0.77 2.54 -3.67
N LYS A 20 -0.79 2.98 -2.41
CA LYS A 20 -1.84 3.89 -1.95
C LYS A 20 -1.29 4.85 -0.89
N ALA A 21 -1.92 6.01 -0.78
CA ALA A 21 -1.49 7.01 0.20
C ALA A 21 -2.33 6.93 1.47
N PHE A 22 -1.70 7.20 2.60
CA PHE A 22 -2.38 7.15 3.90
C PHE A 22 -1.85 8.23 4.83
N GLY A 23 -2.77 8.84 5.59
CA GLY A 23 -2.37 9.88 6.52
C GLY A 23 -1.05 9.58 7.20
N ASP A 24 -1.07 8.65 8.15
CA ASP A 24 0.14 8.27 8.88
C ASP A 24 0.49 6.81 8.63
N ASN A 25 1.79 6.52 8.55
CA ASN A 25 2.25 5.16 8.31
C ASN A 25 1.58 4.18 9.27
N SER A 26 1.50 4.57 10.54
CA SER A 26 0.89 3.72 11.56
C SER A 26 -0.33 2.98 10.99
N SER A 27 -1.17 3.71 10.28
CA SER A 27 -2.37 3.13 9.68
C SER A 27 -2.00 2.08 8.65
N CYS A 28 -1.07 2.41 7.77
CA CYS A 28 -0.62 1.49 6.73
C CYS A 28 -0.42 0.09 7.29
N THR A 29 0.20 0.02 8.47
CA THR A 29 0.45 -1.27 9.11
C THR A 29 -0.67 -2.26 8.84
N GLN A 30 -1.90 -1.76 8.85
CA GLN A 30 -3.07 -2.61 8.60
C GLN A 30 -3.32 -2.75 7.10
N HIS A 31 -3.21 -1.64 6.37
CA HIS A 31 -3.43 -1.65 4.94
C HIS A 31 -2.57 -2.72 4.26
N GLN A 32 -1.48 -3.10 4.91
CA GLN A 32 -0.59 -4.12 4.37
C GLN A 32 -1.19 -5.52 4.52
N ARG A 33 -1.93 -5.71 5.61
CA ARG A 33 -2.56 -7.00 5.88
C ARG A 33 -3.65 -7.30 4.85
N LEU A 34 -4.02 -6.29 4.08
CA LEU A 34 -5.06 -6.44 3.06
C LEU A 34 -4.53 -7.20 1.85
N HIS A 35 -3.20 -7.20 1.70
CA HIS A 35 -2.56 -7.90 0.59
C HIS A 35 -1.77 -9.10 1.08
N THR A 36 -2.04 -9.52 2.31
CA THR A 36 -1.35 -10.66 2.90
C THR A 36 -2.24 -11.90 2.92
N GLY A 37 -3.53 -11.69 3.17
CA GLY A 37 -4.46 -12.80 3.21
C GLY A 37 -4.62 -13.38 4.60
N GLN A 38 -3.72 -14.28 4.97
CA GLN A 38 -3.77 -14.91 6.29
C GLN A 38 -3.72 -13.87 7.39
N ARG A 39 -4.38 -14.16 8.51
CA ARG A 39 -4.42 -13.24 9.64
C ARG A 39 -4.31 -14.00 10.96
N PRO A 40 -3.65 -13.38 11.94
CA PRO A 40 -3.47 -13.99 13.27
C PRO A 40 -4.78 -14.06 14.06
N SER A 41 -5.83 -13.48 13.50
CA SER A 41 -7.14 -13.48 14.15
C SER A 41 -8.26 -13.31 13.12
N GLY A 42 -9.23 -14.22 13.17
CA GLY A 42 -10.34 -14.15 12.24
C GLY A 42 -10.63 -15.48 11.57
N PRO A 43 -11.10 -16.46 12.37
CA PRO A 43 -11.42 -17.80 11.87
C PRO A 43 -12.65 -17.81 10.97
N SER A 44 -12.43 -17.56 9.68
CA SER A 44 -13.52 -17.53 8.72
C SER A 44 -14.45 -18.72 8.91
N SER A 45 -13.87 -19.91 9.04
CA SER A 45 -14.64 -21.13 9.23
C SER A 45 -15.88 -20.85 10.09
N GLY A 46 -15.68 -20.12 11.18
CA GLY A 46 -16.79 -19.81 12.07
C GLY A 46 -16.45 -20.07 13.52
N GLY A 1 1.49 23.99 -9.70
CA GLY A 1 2.01 25.30 -10.05
C GLY A 1 2.51 26.07 -8.85
N SER A 2 1.83 27.17 -8.53
CA SER A 2 2.22 28.01 -7.40
C SER A 2 1.33 27.73 -6.20
N SER A 3 1.68 26.71 -5.42
CA SER A 3 0.91 26.33 -4.25
C SER A 3 1.84 25.96 -3.10
N GLY A 4 1.57 26.50 -1.91
CA GLY A 4 2.39 26.21 -0.76
C GLY A 4 1.58 25.67 0.40
N SER A 5 1.36 24.36 0.41
CA SER A 5 0.59 23.71 1.47
C SER A 5 1.50 22.90 2.38
N SER A 6 1.91 23.50 3.49
CA SER A 6 2.78 22.84 4.45
C SER A 6 2.00 22.40 5.69
N GLY A 7 0.81 21.85 5.46
CA GLY A 7 -0.01 21.40 6.58
C GLY A 7 -0.42 19.94 6.44
N THR A 8 -0.24 19.37 5.26
CA THR A 8 -0.57 17.99 5.01
C THR A 8 0.63 17.07 5.22
N GLY A 9 0.36 15.78 5.42
CA GLY A 9 1.42 14.83 5.64
C GLY A 9 2.33 14.69 4.43
N GLU A 10 3.58 14.30 4.67
CA GLU A 10 4.55 14.14 3.61
C GLU A 10 5.59 13.08 3.96
N LYS A 11 5.62 12.00 3.19
CA LYS A 11 6.58 10.92 3.42
C LYS A 11 6.51 9.88 2.30
N PRO A 12 7.68 9.32 1.95
CA PRO A 12 7.77 8.31 0.89
C PRO A 12 7.14 6.98 1.29
N TYR A 13 6.58 6.94 2.49
CA TYR A 13 5.93 5.74 3.00
C TYR A 13 4.63 5.45 2.25
N LYS A 14 4.75 4.82 1.09
CA LYS A 14 3.59 4.49 0.27
C LYS A 14 3.55 3.01 -0.06
N CYS A 15 2.43 2.35 0.22
CA CYS A 15 2.28 0.93 -0.05
C CYS A 15 2.63 0.61 -1.50
N MET A 16 3.80 0.03 -1.71
CA MET A 16 4.26 -0.32 -3.05
C MET A 16 3.40 -1.43 -3.63
N GLU A 17 2.85 -2.27 -2.76
CA GLU A 17 1.99 -3.38 -3.20
C GLU A 17 0.99 -2.92 -4.25
N CYS A 18 0.13 -1.99 -3.87
CA CYS A 18 -0.88 -1.46 -4.78
C CYS A 18 -0.53 -0.05 -5.23
N GLY A 19 -0.04 0.76 -4.29
CA GLY A 19 0.32 2.13 -4.60
C GLY A 19 -0.67 3.13 -4.06
N LYS A 20 -0.97 3.03 -2.77
CA LYS A 20 -1.92 3.94 -2.14
C LYS A 20 -1.21 4.84 -1.12
N ALA A 21 -1.55 6.12 -1.14
CA ALA A 21 -0.96 7.09 -0.23
C ALA A 21 -1.71 7.14 1.10
N PHE A 22 -0.97 7.15 2.20
CA PHE A 22 -1.57 7.20 3.52
C PHE A 22 -1.03 8.38 4.32
N GLY A 23 -1.77 8.77 5.37
CA GLY A 23 -1.35 9.89 6.19
C GLY A 23 -0.62 9.45 7.44
N ASP A 24 -1.18 8.46 8.14
CA ASP A 24 -0.57 7.94 9.36
C ASP A 24 -0.04 6.53 9.14
N ASN A 25 1.14 6.25 9.69
CA ASN A 25 1.76 4.94 9.55
C ASN A 25 0.77 3.84 9.92
N SER A 26 0.01 4.06 10.98
CA SER A 26 -0.98 3.09 11.43
C SER A 26 -1.75 2.51 10.26
N SER A 27 -2.17 3.38 9.35
CA SER A 27 -2.93 2.95 8.17
C SER A 27 -2.15 1.93 7.37
N CYS A 28 -0.85 2.15 7.21
CA CYS A 28 0.00 1.24 6.47
C CYS A 28 0.17 -0.09 7.21
N THR A 29 0.66 -0.01 8.45
CA THR A 29 0.87 -1.20 9.25
C THR A 29 -0.31 -2.16 9.15
N GLN A 30 -1.52 -1.60 9.09
CA GLN A 30 -2.74 -2.40 8.98
C GLN A 30 -3.02 -2.77 7.53
N HIS A 31 -3.11 -1.75 6.68
CA HIS A 31 -3.38 -1.98 5.26
C HIS A 31 -2.56 -3.15 4.73
N GLN A 32 -1.30 -3.22 5.14
CA GLN A 32 -0.42 -4.29 4.70
C GLN A 32 -1.02 -5.65 5.00
N ARG A 33 -1.51 -5.81 6.23
CA ARG A 33 -2.12 -7.07 6.64
C ARG A 33 -3.19 -7.52 5.65
N LEU A 34 -3.98 -6.57 5.17
CA LEU A 34 -5.03 -6.87 4.21
C LEU A 34 -4.46 -7.48 2.94
N HIS A 35 -3.32 -6.97 2.49
CA HIS A 35 -2.68 -7.47 1.29
C HIS A 35 -2.32 -8.95 1.45
N THR A 36 -1.92 -9.32 2.65
CA THR A 36 -1.55 -10.70 2.93
C THR A 36 -2.55 -11.68 2.33
N GLY A 37 -3.83 -11.47 2.62
CA GLY A 37 -4.87 -12.33 2.09
C GLY A 37 -6.22 -12.05 2.71
N GLN A 38 -6.95 -11.10 2.14
CA GLN A 38 -8.26 -10.73 2.64
C GLN A 38 -9.31 -10.78 1.53
N ARG A 39 -9.39 -11.92 0.84
CA ARG A 39 -10.35 -12.07 -0.26
C ARG A 39 -11.71 -12.50 0.27
N PRO A 40 -12.78 -12.00 -0.38
CA PRO A 40 -14.15 -12.30 0.02
C PRO A 40 -14.53 -13.74 -0.29
N SER A 41 -15.70 -14.16 0.19
CA SER A 41 -16.18 -15.52 -0.03
C SER A 41 -17.41 -15.53 -0.92
N GLY A 42 -17.31 -16.18 -2.08
CA GLY A 42 -18.42 -16.26 -2.99
C GLY A 42 -19.29 -17.48 -2.78
N PRO A 43 -19.00 -18.55 -3.52
CA PRO A 43 -19.75 -19.81 -3.43
C PRO A 43 -19.48 -20.54 -2.12
N SER A 44 -20.38 -20.38 -1.15
CA SER A 44 -20.25 -21.02 0.15
C SER A 44 -21.56 -21.01 0.91
N SER A 45 -21.95 -22.17 1.43
CA SER A 45 -23.20 -22.29 2.18
C SER A 45 -22.97 -22.99 3.51
N GLY A 46 -23.61 -22.48 4.57
CA GLY A 46 -23.45 -23.07 5.88
C GLY A 46 -23.40 -22.03 6.98
N GLY A 1 -3.84 30.43 -13.08
CA GLY A 1 -3.05 29.24 -13.33
C GLY A 1 -2.43 28.67 -12.07
N SER A 2 -3.06 27.64 -11.52
CA SER A 2 -2.58 27.01 -10.29
C SER A 2 -1.43 26.05 -10.61
N SER A 3 -0.29 26.25 -9.93
CA SER A 3 0.87 25.40 -10.14
C SER A 3 0.51 23.93 -9.96
N GLY A 4 1.45 23.05 -10.32
CA GLY A 4 1.22 21.64 -10.19
C GLY A 4 1.63 21.10 -8.83
N SER A 5 1.38 19.82 -8.59
CA SER A 5 1.72 19.19 -7.32
C SER A 5 2.57 17.94 -7.54
N SER A 6 3.54 18.04 -8.45
CA SER A 6 4.42 16.92 -8.76
C SER A 6 5.58 16.85 -7.75
N GLY A 7 5.72 15.70 -7.12
CA GLY A 7 6.79 15.53 -6.14
C GLY A 7 7.96 14.75 -6.70
N THR A 8 9.14 15.34 -6.63
CA THR A 8 10.35 14.70 -7.14
C THR A 8 10.67 13.43 -6.36
N GLY A 9 10.39 13.45 -5.05
CA GLY A 9 10.65 12.30 -4.21
C GLY A 9 11.24 12.68 -2.87
N GLU A 10 10.39 13.13 -1.96
CA GLU A 10 10.83 13.54 -0.63
C GLU A 10 9.99 12.87 0.44
N LYS A 11 8.67 12.86 0.25
CA LYS A 11 7.75 12.26 1.21
C LYS A 11 6.76 11.36 0.50
N PRO A 12 7.25 10.27 -0.12
CA PRO A 12 6.42 9.32 -0.84
C PRO A 12 5.54 8.50 0.10
N TYR A 13 6.16 7.90 1.12
CA TYR A 13 5.42 7.09 2.08
C TYR A 13 4.24 6.39 1.42
N LYS A 14 4.51 5.68 0.34
CA LYS A 14 3.47 4.96 -0.38
C LYS A 14 3.66 3.45 -0.27
N CYS A 15 2.64 2.70 -0.68
CA CYS A 15 2.70 1.25 -0.63
C CYS A 15 3.42 0.68 -1.86
N MET A 16 4.12 -0.44 -1.66
CA MET A 16 4.85 -1.08 -2.75
C MET A 16 4.01 -2.16 -3.40
N GLU A 17 3.28 -2.91 -2.58
CA GLU A 17 2.43 -3.99 -3.08
C GLU A 17 1.45 -3.47 -4.12
N CYS A 18 0.66 -2.48 -3.74
CA CYS A 18 -0.33 -1.90 -4.65
C CYS A 18 -0.08 -0.41 -4.83
N GLY A 19 0.13 0.29 -3.71
CA GLY A 19 0.38 1.73 -3.78
C GLY A 19 -0.85 2.54 -3.42
N LYS A 20 -0.76 3.30 -2.34
CA LYS A 20 -1.88 4.13 -1.90
C LYS A 20 -1.40 5.23 -0.96
N ALA A 21 -2.11 6.36 -0.96
CA ALA A 21 -1.75 7.47 -0.11
C ALA A 21 -2.30 7.29 1.30
N PHE A 22 -1.43 7.35 2.29
CA PHE A 22 -1.83 7.20 3.69
C PHE A 22 -1.38 8.39 4.53
N GLY A 23 -2.33 9.02 5.20
CA GLY A 23 -2.01 10.17 6.03
C GLY A 23 -1.60 9.78 7.43
N ASP A 24 -1.13 8.55 7.59
CA ASP A 24 -0.70 8.05 8.88
C ASP A 24 0.13 6.78 8.73
N ASN A 25 0.93 6.45 9.75
CA ASN A 25 1.77 5.26 9.72
C ASN A 25 1.02 4.07 10.32
N SER A 26 0.21 4.33 11.33
CA SER A 26 -0.55 3.27 11.99
C SER A 26 -1.27 2.40 10.96
N SER A 27 -2.11 3.01 10.14
CA SER A 27 -2.85 2.30 9.12
C SER A 27 -1.91 1.59 8.15
N CYS A 28 -0.97 2.35 7.58
CA CYS A 28 0.00 1.80 6.65
C CYS A 28 0.37 0.37 7.02
N THR A 29 0.62 0.15 8.31
CA THR A 29 1.00 -1.17 8.80
C THR A 29 -0.10 -2.18 8.54
N GLN A 30 -1.31 -1.88 9.01
CA GLN A 30 -2.44 -2.77 8.83
C GLN A 30 -2.73 -2.99 7.34
N HIS A 31 -2.48 -1.96 6.54
CA HIS A 31 -2.70 -2.04 5.10
C HIS A 31 -1.97 -3.23 4.50
N GLN A 32 -0.88 -3.64 5.14
CA GLN A 32 -0.09 -4.77 4.67
C GLN A 32 -0.94 -6.02 4.54
N ARG A 33 -1.36 -6.56 5.68
CA ARG A 33 -2.19 -7.76 5.71
C ARG A 33 -3.51 -7.52 4.99
N LEU A 34 -4.04 -6.31 5.11
CA LEU A 34 -5.30 -5.95 4.47
C LEU A 34 -5.32 -6.40 3.01
N HIS A 35 -4.13 -6.60 2.45
CA HIS A 35 -4.01 -7.04 1.06
C HIS A 35 -4.75 -8.35 0.83
N THR A 36 -4.69 -9.23 1.83
CA THR A 36 -5.35 -10.53 1.73
C THR A 36 -6.82 -10.37 1.34
N GLY A 37 -7.14 -10.81 0.12
CA GLY A 37 -8.50 -10.72 -0.36
C GLY A 37 -8.77 -9.41 -1.09
N GLN A 38 -9.68 -8.61 -0.55
CA GLN A 38 -10.03 -7.33 -1.16
C GLN A 38 -9.96 -7.41 -2.68
N ARG A 39 -10.67 -8.37 -3.25
CA ARG A 39 -10.68 -8.57 -4.70
C ARG A 39 -11.84 -7.81 -5.34
N PRO A 40 -11.60 -7.26 -6.54
CA PRO A 40 -12.62 -6.51 -7.28
C PRO A 40 -13.75 -7.40 -7.79
N SER A 41 -14.68 -7.71 -6.91
CA SER A 41 -15.82 -8.56 -7.28
C SER A 41 -15.39 -9.63 -8.28
N GLY A 42 -14.22 -10.21 -8.07
CA GLY A 42 -13.72 -11.23 -8.97
C GLY A 42 -14.05 -12.64 -8.49
N PRO A 43 -14.26 -13.56 -9.45
CA PRO A 43 -14.60 -14.95 -9.15
C PRO A 43 -13.42 -15.71 -8.53
N SER A 44 -12.26 -15.60 -9.16
CA SER A 44 -11.06 -16.28 -8.68
C SER A 44 -10.01 -15.27 -8.22
N SER A 45 -9.57 -14.43 -9.14
CA SER A 45 -8.56 -13.42 -8.84
C SER A 45 -7.35 -14.04 -8.15
N GLY A 46 -6.92 -15.20 -8.66
CA GLY A 46 -5.78 -15.87 -8.08
C GLY A 46 -4.66 -16.08 -9.08
#